data_5LOD
#
_entry.id   5LOD
#
_cell.length_a   53.000
_cell.length_b   70.000
_cell.length_c   87.800
_cell.angle_alpha   90.000
_cell.angle_beta   101.300
_cell.angle_gamma   90.000
#
_symmetry.space_group_name_H-M   'P 1 21 1'
#
loop_
_entity.id
_entity.type
_entity.pdbx_description
1 polymer 'Modification methylase HhaI'
2 non-polymer 'SULFATE ION'
3 water water
#
_entity_poly.entity_id   1
_entity_poly.type   'polypeptide(L)'
_entity_poly.pdbx_seq_one_letter_code
;MIEIKDKQLTGLRFIDLFAGLGGFRLALESCGAECVYSNEWDKYAQEVYEMNFGEKPEGDITQVNEKTIPDHDILCAGFP
CQAFSISGKQKGFEDSRGTLFFDIARIVREKKPKVVFMENVKNFASHDNGNTLEVVKNTMNELDYSFHAKVLNALDYGIP
QKRERIYMICFRNDLNIQNFQFPKPFELNTFVKDLLLPDSEVEHLVIDRKDLVMTNQEIEQTTPKTVRLGIVGKGGQGER
IYSTRGIAITLSAYGGGIFAKTGGYLVNGKTRKLHPRECARVMGYPDSYKVHPSTSQAYKQFGNSVVINVLQYIAYNIGS
SLNFKPY
;
_entity_poly.pdbx_strand_id   B,A
#
loop_
_chem_comp.id
_chem_comp.type
_chem_comp.name
_chem_comp.formula
SO4 non-polymer 'SULFATE ION' 'O4 S -2'
#
# COMPACT_ATOMS: atom_id res chain seq x y z
N MET A 1 -6.62 11.74 -23.06
CA MET A 1 -6.32 13.09 -23.54
C MET A 1 -7.09 13.34 -24.83
N ILE A 2 -7.62 14.55 -25.02
CA ILE A 2 -8.39 14.85 -26.22
C ILE A 2 -7.56 15.67 -27.19
N GLU A 3 -8.00 15.67 -28.44
CA GLU A 3 -7.33 16.47 -29.46
C GLU A 3 -7.91 17.87 -29.51
N ILE A 4 -7.01 18.85 -29.51
CA ILE A 4 -7.40 20.25 -29.65
C ILE A 4 -6.66 20.87 -30.84
N LYS A 5 -7.42 21.27 -31.87
CA LYS A 5 -6.84 21.92 -33.04
C LYS A 5 -6.93 23.43 -32.95
N ASP A 6 -7.97 23.89 -32.26
CA ASP A 6 -8.10 25.32 -31.99
C ASP A 6 -7.27 25.65 -30.75
N LYS A 7 -6.04 26.09 -30.97
CA LYS A 7 -5.07 26.29 -29.91
C LYS A 7 -5.25 27.64 -29.23
N GLN A 8 -6.26 27.73 -28.37
CA GLN A 8 -6.59 29.01 -27.74
C GLN A 8 -5.47 29.63 -26.92
N LEU A 9 -4.51 28.85 -26.47
CA LEU A 9 -3.43 29.41 -25.64
C LEU A 9 -2.15 29.65 -26.44
N THR A 10 -2.24 29.64 -27.77
CA THR A 10 -1.06 29.89 -28.58
C THR A 10 -0.46 31.25 -28.23
N GLY A 11 0.84 31.28 -27.99
CA GLY A 11 1.52 32.54 -27.74
C GLY A 11 1.68 32.86 -26.28
N LEU A 12 1.08 32.05 -25.41
CA LEU A 12 1.15 32.26 -23.96
C LEU A 12 2.18 31.34 -23.31
N ARG A 13 2.80 31.83 -22.24
CA ARG A 13 3.82 31.10 -21.50
C ARG A 13 3.21 30.62 -20.18
N PHE A 14 3.56 29.41 -19.77
CA PHE A 14 3.08 28.95 -18.47
C PHE A 14 4.18 28.32 -17.65
N ILE A 15 3.99 28.27 -16.35
CA ILE A 15 4.90 27.53 -15.49
C ILE A 15 4.11 26.43 -14.80
N ASP A 16 4.82 25.37 -14.44
CA ASP A 16 4.20 24.14 -13.99
C ASP A 16 4.82 23.83 -12.62
N LEU A 17 4.20 24.32 -11.56
CA LEU A 17 4.69 24.10 -10.20
C LEU A 17 4.07 22.82 -9.61
N PHE A 18 4.78 22.17 -8.70
CA PHE A 18 4.35 20.87 -8.19
C PHE A 18 3.94 20.01 -9.39
N ALA A 19 4.83 19.98 -10.38
CA ALA A 19 4.54 19.43 -11.70
C ALA A 19 4.13 17.96 -11.69
N GLY A 20 4.67 17.18 -10.75
CA GLY A 20 4.36 15.77 -10.72
C GLY A 20 4.76 15.15 -12.05
N LEU A 21 3.81 14.49 -12.71
CA LEU A 21 4.05 13.82 -13.98
C LEU A 21 4.01 14.79 -15.17
N GLY A 22 3.63 16.04 -14.91
CA GLY A 22 3.52 17.04 -15.95
C GLY A 22 2.14 17.07 -16.59
N GLY A 23 1.11 16.69 -15.85
CA GLY A 23 -0.24 16.66 -16.40
C GLY A 23 -0.69 18.03 -16.87
N PHE A 24 -0.35 19.06 -16.10
CA PHE A 24 -0.71 20.42 -16.52
C PHE A 24 0.01 20.76 -17.80
N ARG A 25 1.25 20.32 -17.89
CA ARG A 25 2.05 20.60 -19.08
C ARG A 25 1.41 20.00 -20.32
N LEU A 26 0.99 18.73 -20.23
CA LEU A 26 0.29 18.12 -21.36
C LEU A 26 -0.95 18.91 -21.79
N ALA A 27 -1.74 19.30 -20.80
CA ALA A 27 -3.02 19.97 -21.07
C ALA A 27 -2.83 21.33 -21.71
N LEU A 28 -1.93 22.12 -21.13
CA LEU A 28 -1.70 23.47 -21.64
C LEU A 28 -0.98 23.46 -22.99
N GLU A 29 0.00 22.57 -23.16
CA GLU A 29 0.68 22.43 -24.45
C GLU A 29 -0.27 21.99 -25.54
N SER A 30 -1.26 21.16 -25.20
CA SER A 30 -2.24 20.74 -26.20
C SER A 30 -3.06 21.92 -26.72
N CYS A 31 -3.12 23.00 -25.94
CA CYS A 31 -3.87 24.19 -26.30
C CYS A 31 -2.99 25.25 -26.95
N GLY A 32 -1.71 24.93 -27.10
CA GLY A 32 -0.80 25.83 -27.79
C GLY A 32 0.13 26.62 -26.89
N ALA A 33 0.04 26.42 -25.58
CA ALA A 33 0.89 27.18 -24.67
C ALA A 33 2.29 26.56 -24.52
N GLU A 34 3.27 27.40 -24.19
CA GLU A 34 4.65 26.94 -24.02
C GLU A 34 5.08 26.93 -22.55
N CYS A 35 5.62 25.81 -22.10
CA CYS A 35 6.13 25.73 -20.74
C CYS A 35 7.50 26.41 -20.63
N VAL A 36 7.64 27.33 -19.69
CA VAL A 36 8.91 28.05 -19.52
C VAL A 36 9.57 27.79 -18.16
N TYR A 37 8.92 27.02 -17.33
CA TYR A 37 9.52 26.60 -16.07
C TYR A 37 8.70 25.51 -15.41
N SER A 38 9.36 24.50 -14.88
CA SER A 38 8.65 23.51 -14.10
C SER A 38 9.43 23.18 -12.84
N ASN A 39 8.69 22.80 -11.81
CA ASN A 39 9.28 22.48 -10.53
C ASN A 39 8.53 21.28 -9.97
N GLU A 40 9.30 20.29 -9.51
CA GLU A 40 8.74 19.11 -8.86
C GLU A 40 9.68 18.61 -7.77
N TRP A 41 9.11 18.39 -6.59
CA TRP A 41 9.83 18.02 -5.37
C TRP A 41 10.40 16.60 -5.46
N ASP A 42 9.56 15.66 -5.90
CA ASP A 42 9.89 14.24 -5.81
C ASP A 42 10.88 13.78 -6.87
N LYS A 43 11.90 13.05 -6.43
CA LYS A 43 12.99 12.57 -7.29
C LYS A 43 12.50 11.64 -8.40
N TYR A 44 11.61 10.74 -8.04
CA TYR A 44 11.06 9.79 -9.00
C TYR A 44 10.08 10.44 -9.96
N ALA A 45 9.38 11.47 -9.51
CA ALA A 45 8.51 12.22 -10.41
C ALA A 45 9.37 12.99 -11.43
N GLN A 46 10.50 13.53 -10.97
CA GLN A 46 11.41 14.25 -11.88
C GLN A 46 11.91 13.33 -12.99
N GLU A 47 12.25 12.09 -12.61
CA GLU A 47 12.72 11.06 -13.54
C GLU A 47 11.76 10.84 -14.68
N VAL A 48 10.50 10.54 -14.36
CA VAL A 48 9.52 10.24 -15.41
C VAL A 48 9.12 11.51 -16.17
N TYR A 49 9.16 12.65 -15.49
CA TYR A 49 8.94 13.93 -16.17
C TYR A 49 10.02 14.11 -17.24
N GLU A 50 11.27 13.86 -16.86
CA GLU A 50 12.39 14.00 -17.80
C GLU A 50 12.27 13.01 -18.96
N MET A 51 11.84 11.79 -18.67
CA MET A 51 11.65 10.78 -19.71
C MET A 51 10.67 11.25 -20.76
N ASN A 52 9.70 12.06 -20.34
CA ASN A 52 8.64 12.46 -21.24
C ASN A 52 8.84 13.80 -21.92
N PHE A 53 9.52 14.71 -21.25
CA PHE A 53 9.66 16.07 -21.75
C PHE A 53 11.09 16.49 -22.07
N GLY A 54 12.05 15.63 -21.72
CA GLY A 54 13.44 15.87 -22.09
C GLY A 54 14.19 16.75 -21.11
N GLU A 55 13.49 17.27 -20.10
CA GLU A 55 14.11 18.15 -19.11
C GLU A 55 13.69 17.78 -17.69
N LYS A 56 14.59 18.01 -16.74
CA LYS A 56 14.31 17.75 -15.34
C LYS A 56 13.82 19.02 -14.67
N PRO A 57 12.65 18.96 -14.03
CA PRO A 57 12.12 20.14 -13.32
C PRO A 57 13.04 20.52 -12.15
N GLU A 58 13.09 21.79 -11.79
CA GLU A 58 13.83 22.22 -10.61
C GLU A 58 13.21 21.59 -9.36
N GLY A 59 14.02 21.41 -8.31
CA GLY A 59 13.53 20.87 -7.06
C GLY A 59 13.08 21.93 -6.07
N ASP A 60 12.91 21.51 -4.81
CA ASP A 60 12.42 22.32 -3.67
C ASP A 60 12.06 23.78 -3.97
N ILE A 61 10.77 24.03 -4.15
CA ILE A 61 10.29 25.35 -4.54
C ILE A 61 10.46 26.38 -3.42
N THR A 62 10.54 25.89 -2.18
CA THR A 62 10.71 26.79 -1.04
C THR A 62 12.06 27.50 -1.06
N GLN A 63 13.01 26.95 -1.81
CA GLN A 63 14.36 27.51 -1.84
C GLN A 63 14.63 28.22 -3.16
N VAL A 64 13.61 28.30 -4.00
CA VAL A 64 13.71 29.02 -5.25
C VAL A 64 13.34 30.48 -5.00
N ASN A 65 14.13 31.39 -5.52
CA ASN A 65 13.82 32.81 -5.42
C ASN A 65 12.75 33.19 -6.44
N GLU A 66 11.66 33.80 -5.97
CA GLU A 66 10.55 34.15 -6.85
C GLU A 66 10.98 35.08 -8.00
N LYS A 67 11.95 35.94 -7.73
CA LYS A 67 12.40 36.91 -8.74
C LYS A 67 13.09 36.22 -9.92
N THR A 68 13.60 35.02 -9.68
CA THR A 68 14.27 34.23 -10.70
C THR A 68 13.33 33.38 -11.58
N ILE A 69 12.06 33.29 -11.20
CA ILE A 69 11.08 32.56 -12.00
C ILE A 69 10.85 33.28 -13.31
N PRO A 70 10.88 32.55 -14.44
CA PRO A 70 10.62 33.18 -15.74
C PRO A 70 9.24 33.85 -15.81
N ASP A 71 9.18 34.92 -16.60
CA ASP A 71 7.93 35.61 -16.89
C ASP A 71 6.97 34.62 -17.51
N HIS A 72 5.70 34.73 -17.12
CA HIS A 72 4.69 33.80 -17.64
C HIS A 72 3.30 34.40 -17.58
N ASP A 73 2.39 33.83 -18.36
CA ASP A 73 1.03 34.31 -18.41
C ASP A 73 0.10 33.47 -17.54
N ILE A 74 0.46 32.21 -17.37
CA ILE A 74 -0.37 31.28 -16.60
C ILE A 74 0.50 30.50 -15.63
N LEU A 75 0.13 30.53 -14.35
CA LEU A 75 0.83 29.73 -13.36
C LEU A 75 -0.06 28.55 -13.04
N CYS A 76 0.46 27.33 -13.18
CA CYS A 76 -0.32 26.13 -12.88
C CYS A 76 0.25 25.51 -11.65
N ALA A 77 -0.63 24.97 -10.81
CA ALA A 77 -0.17 24.25 -9.64
C ALA A 77 -1.22 23.27 -9.13
N GLY A 78 -0.87 21.99 -9.11
CA GLY A 78 -1.68 20.99 -8.45
C GLY A 78 -0.98 20.72 -7.13
N PHE A 79 -1.32 21.50 -6.11
CA PHE A 79 -0.53 21.57 -4.88
C PHE A 79 -1.11 20.73 -3.74
N PRO A 80 -0.24 20.27 -2.82
CA PRO A 80 -0.67 19.53 -1.62
C PRO A 80 -1.54 20.36 -0.69
N CYS A 81 -2.74 19.86 -0.39
CA CYS A 81 -3.62 20.50 0.59
C CYS A 81 -2.98 20.50 1.98
N GLN A 82 -3.00 21.66 2.63
CA GLN A 82 -2.46 21.79 3.98
C GLN A 82 -3.33 22.74 4.79
N ALA A 83 -3.64 22.35 6.02
CA ALA A 83 -4.36 23.22 6.95
C ALA A 83 -3.58 24.50 7.20
N PHE A 84 -4.31 25.59 7.41
CA PHE A 84 -3.71 26.85 7.81
C PHE A 84 -4.06 27.10 9.27
N SER A 85 -3.30 27.99 9.92
CA SER A 85 -3.64 28.42 11.28
C SER A 85 -4.18 29.84 11.29
N GLY A 92 -6.37 35.09 5.37
CA GLY A 92 -5.82 35.72 4.18
C GLY A 92 -4.38 35.29 3.89
N PHE A 93 -3.64 36.15 3.20
CA PHE A 93 -2.25 35.89 2.80
C PHE A 93 -1.39 35.38 3.96
N GLU A 94 -1.41 36.13 5.05
CA GLU A 94 -0.58 35.83 6.21
C GLU A 94 -0.82 34.44 6.79
N ASP A 95 -2.06 33.95 6.69
CA ASP A 95 -2.42 32.64 7.24
C ASP A 95 -1.80 31.49 6.43
N SER A 96 -1.41 31.78 5.20
CA SER A 96 -0.87 30.77 4.30
C SER A 96 0.55 30.37 4.70
N ARG A 97 1.23 31.24 5.45
CA ARG A 97 2.63 31.01 5.79
C ARG A 97 2.80 29.72 6.60
N GLY A 98 3.85 28.97 6.28
CA GLY A 98 4.02 27.65 6.84
C GLY A 98 3.49 26.56 5.91
N THR A 99 2.90 26.98 4.79
CA THR A 99 2.35 26.03 3.81
C THR A 99 2.95 26.18 2.41
N LEU A 100 2.82 25.13 1.61
CA LEU A 100 3.26 25.16 0.21
C LEU A 100 2.49 26.19 -0.61
N PHE A 101 1.25 26.49 -0.21
CA PHE A 101 0.49 27.52 -0.91
C PHE A 101 1.16 28.88 -0.78
N PHE A 102 1.89 29.08 0.32
CA PHE A 102 2.59 30.34 0.50
C PHE A 102 3.60 30.58 -0.63
N ASP A 103 4.19 29.50 -1.13
CA ASP A 103 5.14 29.62 -2.23
C ASP A 103 4.44 30.00 -3.52
N ILE A 104 3.23 29.48 -3.73
CA ILE A 104 2.44 29.93 -4.87
C ILE A 104 2.17 31.42 -4.75
N ALA A 105 1.73 31.84 -3.57
CA ALA A 105 1.34 33.24 -3.38
C ALA A 105 2.50 34.20 -3.62
N ARG A 106 3.67 33.88 -3.07
CA ARG A 106 4.81 34.79 -3.18
C ARG A 106 5.32 34.86 -4.61
N ILE A 107 5.17 33.77 -5.35
CA ILE A 107 5.49 33.77 -6.77
C ILE A 107 4.47 34.59 -7.54
N VAL A 108 3.19 34.42 -7.22
CA VAL A 108 2.15 35.21 -7.87
C VAL A 108 2.38 36.71 -7.64
N ARG A 109 2.71 37.05 -6.40
CA ARG A 109 2.91 38.44 -6.02
C ARG A 109 4.00 39.12 -6.85
N GLU A 110 5.11 38.42 -7.06
CA GLU A 110 6.23 38.96 -7.84
C GLU A 110 6.00 38.91 -9.36
N LYS A 111 5.44 37.82 -9.85
CA LYS A 111 5.38 37.58 -11.28
C LYS A 111 4.10 38.07 -11.96
N LYS A 112 3.04 38.25 -11.17
CA LYS A 112 1.74 38.75 -11.66
C LYS A 112 1.25 38.12 -12.96
N PRO A 113 1.12 36.78 -12.99
CA PRO A 113 0.61 36.17 -14.22
C PRO A 113 -0.82 36.62 -14.53
N LYS A 114 -1.22 36.53 -15.79
CA LYS A 114 -2.61 36.82 -16.14
C LYS A 114 -3.57 35.88 -15.41
N VAL A 115 -3.16 34.63 -15.28
CA VAL A 115 -4.02 33.58 -14.73
C VAL A 115 -3.26 32.68 -13.77
N VAL A 116 -3.93 32.29 -12.69
CA VAL A 116 -3.44 31.23 -11.82
C VAL A 116 -4.43 30.08 -11.92
N PHE A 117 -3.93 28.89 -12.22
CA PHE A 117 -4.76 27.73 -12.49
C PHE A 117 -4.35 26.64 -11.50
N MET A 118 -5.20 26.36 -10.52
CA MET A 118 -4.85 25.41 -9.47
C MET A 118 -5.85 24.26 -9.38
N GLU A 119 -5.42 23.16 -8.77
CA GLU A 119 -6.24 21.98 -8.64
C GLU A 119 -5.94 21.38 -7.27
N ASN A 120 -6.94 20.75 -6.66
CA ASN A 120 -6.72 20.08 -5.38
C ASN A 120 -7.80 19.05 -5.17
N VAL A 121 -7.86 18.48 -3.96
CA VAL A 121 -8.79 17.40 -3.63
C VAL A 121 -10.23 17.88 -3.57
N LYS A 122 -11.19 16.96 -3.71
CA LYS A 122 -12.60 17.34 -3.79
C LYS A 122 -13.12 18.03 -2.53
N ASN A 123 -12.62 17.62 -1.37
CA ASN A 123 -13.09 18.17 -0.11
C ASN A 123 -12.42 19.49 0.30
N PHE A 124 -11.55 20.01 -0.56
CA PHE A 124 -10.82 21.26 -0.32
C PHE A 124 -11.79 22.36 0.12
N ALA A 125 -13.00 22.33 -0.44
CA ALA A 125 -14.06 23.26 -0.07
C ALA A 125 -14.44 23.18 1.40
N SER A 126 -14.54 21.95 1.92
CA SER A 126 -15.02 21.72 3.28
C SER A 126 -13.90 21.57 4.30
N HIS A 127 -12.66 21.62 3.81
CA HIS A 127 -11.48 21.42 4.65
C HIS A 127 -11.31 22.52 5.70
N ASP A 128 -11.01 22.11 6.95
CA ASP A 128 -10.78 23.06 8.04
C ASP A 128 -12.04 23.91 8.23
N ASN A 129 -13.18 23.30 7.91
CA ASN A 129 -14.46 23.99 7.73
C ASN A 129 -14.43 25.26 6.89
N GLY A 130 -14.09 25.11 5.62
CA GLY A 130 -14.14 26.19 4.66
C GLY A 130 -12.95 27.13 4.73
N ASN A 131 -12.27 27.14 5.89
CA ASN A 131 -11.14 28.03 6.13
C ASN A 131 -10.01 27.89 5.12
N THR A 132 -9.68 26.65 4.76
CA THR A 132 -8.60 26.40 3.80
C THR A 132 -8.89 27.12 2.47
N LEU A 133 -10.07 26.89 1.90
CA LEU A 133 -10.44 27.55 0.66
C LEU A 133 -10.62 29.06 0.84
N GLU A 134 -11.05 29.48 2.03
CA GLU A 134 -11.21 30.92 2.30
C GLU A 134 -9.86 31.58 2.22
N VAL A 135 -8.88 30.96 2.84
CA VAL A 135 -7.53 31.49 2.87
C VAL A 135 -6.98 31.62 1.46
N VAL A 136 -7.16 30.59 0.63
CA VAL A 136 -6.70 30.64 -0.74
C VAL A 136 -7.40 31.77 -1.48
N LYS A 137 -8.73 31.78 -1.39
CA LYS A 137 -9.52 32.80 -2.09
C LYS A 137 -9.15 34.22 -1.65
N ASN A 138 -9.10 34.45 -0.34
CA ASN A 138 -8.77 35.79 0.17
C ASN A 138 -7.37 36.24 -0.23
N THR A 139 -6.43 35.29 -0.23
CA THR A 139 -5.07 35.55 -0.66
C THR A 139 -5.03 35.99 -2.12
N MET A 140 -5.73 35.25 -2.98
CA MET A 140 -5.77 35.58 -4.40
C MET A 140 -6.43 36.94 -4.59
N ASN A 141 -7.48 37.19 -3.84
CA ASN A 141 -8.14 38.51 -3.86
C ASN A 141 -7.19 39.62 -3.42
N GLU A 142 -6.43 39.39 -2.36
CA GLU A 142 -5.47 40.39 -1.90
C GLU A 142 -4.34 40.63 -2.91
N LEU A 143 -4.03 39.63 -3.71
CA LEU A 143 -3.03 39.75 -4.78
C LEU A 143 -3.62 40.35 -6.05
N ASP A 144 -4.87 40.79 -5.94
CA ASP A 144 -5.58 41.47 -7.04
C ASP A 144 -6.03 40.50 -8.16
N TYR A 145 -6.52 39.32 -7.75
CA TYR A 145 -7.08 38.32 -8.67
C TYR A 145 -8.55 38.04 -8.33
N SER A 146 -9.38 37.80 -9.33
CA SER A 146 -10.70 37.25 -9.07
C SER A 146 -10.53 35.75 -8.85
N PHE A 147 -11.48 35.10 -8.19
CA PHE A 147 -11.32 33.70 -7.81
C PHE A 147 -12.55 32.93 -8.25
N HIS A 148 -12.35 31.82 -8.95
CA HIS A 148 -13.43 30.98 -9.43
C HIS A 148 -13.05 29.58 -9.06
N ALA A 149 -13.95 28.83 -8.44
CA ALA A 149 -13.64 27.45 -8.09
C ALA A 149 -14.85 26.56 -8.26
N LYS A 150 -14.61 25.32 -8.64
CA LYS A 150 -15.72 24.38 -8.77
C LYS A 150 -15.16 22.99 -8.70
N VAL A 151 -15.94 22.09 -8.11
CA VAL A 151 -15.59 20.68 -8.04
C VAL A 151 -16.16 20.01 -9.30
N LEU A 152 -15.27 19.40 -10.08
CA LEU A 152 -15.69 18.67 -11.28
C LEU A 152 -15.29 17.22 -11.14
N ASN A 153 -16.11 16.34 -11.71
CA ASN A 153 -15.91 14.90 -11.64
C ASN A 153 -15.42 14.40 -13.01
N ALA A 154 -14.31 13.67 -13.00
CA ALA A 154 -13.72 13.15 -14.23
C ALA A 154 -14.75 12.43 -15.13
N LEU A 155 -15.72 11.75 -14.51
CA LEU A 155 -16.73 10.96 -15.24
C LEU A 155 -17.66 11.83 -16.09
N ASP A 156 -17.72 13.12 -15.77
CA ASP A 156 -18.56 14.05 -16.52
C ASP A 156 -17.82 14.67 -17.69
N TYR A 157 -16.54 14.33 -17.82
CA TYR A 157 -15.70 14.90 -18.89
C TYR A 157 -14.96 13.86 -19.73
N GLY A 158 -15.61 12.74 -19.94
CA GLY A 158 -15.12 11.75 -20.88
C GLY A 158 -14.15 10.74 -20.30
N ILE A 159 -13.92 10.80 -19.00
CA ILE A 159 -12.96 9.88 -18.38
C ILE A 159 -13.66 8.95 -17.39
N PRO A 160 -13.51 7.62 -17.60
CA PRO A 160 -14.24 6.70 -16.73
C PRO A 160 -13.55 6.47 -15.40
N GLN A 161 -13.55 7.50 -14.57
CA GLN A 161 -13.10 7.36 -13.20
C GLN A 161 -13.94 8.24 -12.32
N LYS A 162 -14.35 7.68 -11.19
CA LYS A 162 -14.98 8.47 -10.15
C LYS A 162 -13.85 9.28 -9.52
N ARG A 163 -13.81 10.58 -9.81
CA ARG A 163 -12.73 11.41 -9.28
C ARG A 163 -13.12 12.88 -9.31
N GLU A 164 -13.64 13.36 -8.19
CA GLU A 164 -13.96 14.77 -8.02
C GLU A 164 -12.74 15.47 -7.49
N ARG A 165 -12.49 16.67 -8.03
CA ARG A 165 -11.37 17.49 -7.64
C ARG A 165 -11.85 18.93 -7.72
N ILE A 166 -11.24 19.81 -6.93
CA ILE A 166 -11.60 21.21 -7.06
C ILE A 166 -10.62 21.87 -8.02
N TYR A 167 -11.16 22.72 -8.87
CA TYR A 167 -10.34 23.41 -9.85
C TYR A 167 -10.55 24.86 -9.52
N MET A 168 -9.46 25.60 -9.40
CA MET A 168 -9.51 27.02 -9.03
C MET A 168 -8.83 27.80 -10.13
N ILE A 169 -9.51 28.83 -10.63
CA ILE A 169 -8.98 29.62 -11.73
C ILE A 169 -9.11 31.07 -11.35
N CYS A 170 -7.99 31.80 -11.40
CA CYS A 170 -7.98 33.19 -10.97
C CYS A 170 -7.46 34.06 -12.08
N PHE A 171 -8.19 35.13 -12.38
CA PHE A 171 -7.74 36.07 -13.41
C PHE A 171 -7.33 37.37 -12.75
N ARG A 172 -6.24 37.96 -13.24
CA ARG A 172 -5.75 39.21 -12.71
C ARG A 172 -6.81 40.28 -12.99
N ASN A 173 -7.11 41.10 -11.99
CA ASN A 173 -8.25 42.02 -12.02
C ASN A 173 -8.26 42.99 -13.19
N ASP A 174 -7.08 43.44 -13.62
CA ASP A 174 -7.02 44.42 -14.72
C ASP A 174 -7.53 43.87 -16.05
N LEU A 175 -7.57 42.55 -16.19
CA LEU A 175 -8.05 41.92 -17.41
C LEU A 175 -9.56 42.02 -17.55
N ASN A 176 -10.22 42.32 -16.42
CA ASN A 176 -11.69 42.34 -16.34
C ASN A 176 -12.39 41.16 -17.01
N ILE A 177 -11.93 39.95 -16.70
CA ILE A 177 -12.56 38.77 -17.24
C ILE A 177 -13.88 38.53 -16.51
N GLN A 178 -14.96 38.50 -17.27
CA GLN A 178 -16.30 38.41 -16.70
C GLN A 178 -16.97 37.13 -17.14
N ASN A 179 -16.39 36.49 -18.15
CA ASN A 179 -17.10 35.41 -18.82
C ASN A 179 -16.48 34.03 -18.68
N PHE A 180 -15.58 33.84 -17.73
CA PHE A 180 -15.03 32.50 -17.56
C PHE A 180 -16.13 31.53 -17.13
N GLN A 181 -16.17 30.39 -17.79
CA GLN A 181 -17.08 29.35 -17.35
C GLN A 181 -16.33 28.02 -17.28
N PHE A 182 -16.71 27.20 -16.32
CA PHE A 182 -16.21 25.83 -16.29
C PHE A 182 -16.87 25.07 -17.42
N PRO A 183 -16.17 24.05 -17.96
CA PRO A 183 -16.77 23.30 -19.06
C PRO A 183 -18.04 22.59 -18.64
N LYS A 184 -18.98 22.47 -19.57
CA LYS A 184 -20.22 21.80 -19.27
C LYS A 184 -20.00 20.29 -19.40
N PRO A 185 -20.57 19.53 -18.46
CA PRO A 185 -20.40 18.07 -18.44
C PRO A 185 -21.10 17.44 -19.63
N PHE A 186 -20.70 16.22 -19.99
CA PHE A 186 -21.33 15.55 -21.12
C PHE A 186 -21.40 14.05 -20.91
N GLU A 187 -22.15 13.36 -21.77
CA GLU A 187 -22.36 11.93 -21.59
C GLU A 187 -21.07 11.16 -21.73
N LEU A 188 -20.84 10.25 -20.79
CA LEU A 188 -19.66 9.39 -20.84
C LEU A 188 -19.87 8.24 -21.81
N ASN A 189 -18.94 8.07 -22.75
CA ASN A 189 -19.00 6.97 -23.72
C ASN A 189 -17.73 6.13 -23.76
N THR A 190 -16.93 6.23 -22.71
CA THR A 190 -15.74 5.40 -22.56
C THR A 190 -15.80 4.79 -21.17
N PHE A 191 -15.47 3.50 -21.05
CA PHE A 191 -15.53 2.84 -19.76
C PHE A 191 -14.24 2.09 -19.52
N VAL A 192 -14.08 1.53 -18.32
CA VAL A 192 -12.82 0.90 -17.97
C VAL A 192 -12.42 -0.15 -19.00
N LYS A 193 -13.38 -0.99 -19.38
CA LYS A 193 -13.14 -2.07 -20.35
C LYS A 193 -12.49 -1.59 -21.65
N ASP A 194 -12.77 -0.34 -22.02
CA ASP A 194 -12.23 0.23 -23.26
C ASP A 194 -10.77 0.61 -23.14
N LEU A 195 -10.28 0.68 -21.90
CA LEU A 195 -8.94 1.20 -21.63
C LEU A 195 -8.01 0.10 -21.14
N LEU A 196 -8.49 -1.14 -21.16
CA LEU A 196 -7.71 -2.27 -20.63
C LEU A 196 -6.62 -2.76 -21.57
N LEU A 197 -5.54 -3.29 -20.98
CA LEU A 197 -4.49 -3.98 -21.71
C LEU A 197 -4.89 -5.44 -21.95
N PRO A 198 -4.31 -6.06 -22.99
CA PRO A 198 -4.52 -7.51 -23.20
C PRO A 198 -4.07 -8.28 -21.98
N ASP A 199 -4.69 -9.43 -21.73
CA ASP A 199 -4.41 -10.21 -20.51
C ASP A 199 -2.94 -10.58 -20.35
N SER A 200 -2.25 -10.78 -21.47
CA SER A 200 -0.85 -11.17 -21.46
C SER A 200 0.06 -10.15 -20.77
N GLU A 201 -0.31 -8.87 -20.85
CA GLU A 201 0.50 -7.81 -20.25
C GLU A 201 0.26 -7.64 -18.76
N VAL A 202 -0.77 -8.30 -18.23
CA VAL A 202 -1.22 -7.97 -16.87
C VAL A 202 -1.35 -9.14 -15.90
N GLU A 203 -0.91 -10.34 -16.26
CA GLU A 203 -1.09 -11.49 -15.37
C GLU A 203 -0.36 -11.35 -14.03
N HIS A 204 0.70 -10.54 -14.00
CA HIS A 204 1.40 -10.29 -12.73
C HIS A 204 0.58 -9.46 -11.75
N LEU A 205 -0.56 -8.94 -12.21
CA LEU A 205 -1.41 -8.11 -11.37
C LEU A 205 -2.62 -8.89 -10.88
N VAL A 206 -2.73 -10.14 -11.31
CA VAL A 206 -3.86 -10.99 -10.96
C VAL A 206 -3.73 -11.44 -9.51
N ILE A 207 -4.85 -11.39 -8.79
CA ILE A 207 -4.85 -11.83 -7.40
C ILE A 207 -5.89 -12.94 -7.23
N ASP A 208 -5.38 -14.16 -7.08
CA ASP A 208 -6.19 -15.35 -6.89
C ASP A 208 -6.44 -15.54 -5.40
N ARG A 209 -7.68 -15.45 -4.95
CA ARG A 209 -8.00 -15.68 -3.53
C ARG A 209 -9.24 -16.51 -3.26
N LYS A 210 -9.41 -16.89 -2.01
CA LYS A 210 -10.46 -17.83 -1.60
C LYS A 210 -11.57 -17.18 -0.82
N ASP A 211 -11.26 -16.06 -0.17
CA ASP A 211 -12.29 -15.31 0.54
C ASP A 211 -13.02 -14.34 -0.39
N LEU A 212 -12.89 -14.55 -1.69
CA LEU A 212 -13.64 -13.75 -2.68
C LEU A 212 -15.12 -14.09 -2.65
N VAL A 213 -15.94 -13.08 -2.42
CA VAL A 213 -17.38 -13.24 -2.36
C VAL A 213 -18.01 -12.30 -3.39
N MET A 214 -18.64 -12.89 -4.39
CA MET A 214 -19.23 -12.13 -5.49
C MET A 214 -20.73 -11.97 -5.25
N THR A 215 -21.17 -10.73 -5.10
CA THR A 215 -22.54 -10.42 -4.75
C THR A 215 -23.43 -10.15 -5.97
N ASN A 216 -22.81 -9.78 -7.08
CA ASN A 216 -23.54 -9.63 -8.33
C ASN A 216 -22.79 -10.28 -9.48
N GLN A 217 -23.52 -10.66 -10.51
CA GLN A 217 -22.94 -11.17 -11.73
C GLN A 217 -22.36 -9.99 -12.51
N GLU A 218 -21.47 -10.28 -13.45
CA GLU A 218 -21.00 -9.26 -14.38
C GLU A 218 -22.20 -8.62 -15.10
N ILE A 219 -22.19 -7.30 -15.22
CA ILE A 219 -23.30 -6.57 -15.84
C ILE A 219 -23.20 -6.65 -17.35
N GLU A 220 -24.32 -6.46 -18.06
CA GLU A 220 -24.25 -6.47 -19.52
C GLU A 220 -24.25 -5.08 -20.11
N GLN A 221 -24.73 -4.12 -19.33
CA GLN A 221 -24.82 -2.72 -19.76
C GLN A 221 -23.60 -1.95 -19.28
N THR A 222 -23.13 -0.96 -20.05
CA THR A 222 -22.12 -0.03 -19.54
C THR A 222 -22.81 1.07 -18.74
N THR A 223 -22.10 1.64 -17.78
CA THR A 223 -22.73 2.59 -16.88
C THR A 223 -21.69 3.56 -16.31
N PRO A 224 -22.08 4.83 -16.16
CA PRO A 224 -21.15 5.85 -15.67
C PRO A 224 -21.12 5.89 -14.15
N LYS A 225 -20.98 4.72 -13.54
CA LYS A 225 -20.98 4.56 -12.10
C LYS A 225 -19.98 3.47 -11.74
N THR A 226 -19.52 3.47 -10.50
CA THR A 226 -18.70 2.37 -10.03
C THR A 226 -19.65 1.23 -9.74
N VAL A 227 -19.31 0.04 -10.21
CA VAL A 227 -20.18 -1.12 -10.01
C VAL A 227 -19.42 -2.17 -9.23
N ARG A 228 -19.75 -2.32 -7.96
CA ARG A 228 -19.07 -3.30 -7.13
C ARG A 228 -19.71 -4.67 -7.33
N LEU A 229 -18.89 -5.65 -7.70
CA LEU A 229 -19.39 -6.99 -7.95
C LEU A 229 -19.07 -7.93 -6.80
N GLY A 230 -18.05 -7.59 -6.03
CA GLY A 230 -17.66 -8.48 -4.96
C GLY A 230 -16.69 -7.88 -3.99
N ILE A 231 -16.36 -8.67 -2.96
CA ILE A 231 -15.43 -8.24 -1.94
C ILE A 231 -14.51 -9.37 -1.55
N VAL A 232 -13.42 -9.00 -0.90
CA VAL A 232 -12.49 -9.96 -0.35
C VAL A 232 -12.27 -9.51 1.10
N GLY A 233 -11.87 -10.44 1.97
CA GLY A 233 -11.70 -10.11 3.38
C GLY A 233 -12.93 -9.48 4.01
N LYS A 234 -12.76 -8.28 4.55
CA LYS A 234 -13.85 -7.57 5.23
C LYS A 234 -14.53 -6.51 4.35
N GLY A 235 -14.15 -6.46 3.08
CA GLY A 235 -14.80 -5.57 2.14
C GLY A 235 -14.57 -4.08 2.37
N GLY A 236 -13.42 -3.75 2.95
CA GLY A 236 -13.08 -2.34 3.16
C GLY A 236 -12.19 -1.80 2.06
N GLN A 237 -11.30 -0.88 2.40
CA GLN A 237 -10.43 -0.23 1.41
C GLN A 237 -9.53 -1.22 0.67
N GLY A 238 -9.56 -1.17 -0.65
CA GLY A 238 -8.72 -2.05 -1.45
C GLY A 238 -9.15 -3.50 -1.35
N GLU A 239 -10.34 -3.73 -0.80
CA GLU A 239 -10.89 -5.07 -0.72
C GLU A 239 -12.19 -5.21 -1.51
N ARG A 240 -12.36 -4.37 -2.53
CA ARG A 240 -13.57 -4.41 -3.33
C ARG A 240 -13.29 -4.65 -4.80
N ILE A 241 -14.16 -5.43 -5.45
CA ILE A 241 -13.98 -5.82 -6.84
C ILE A 241 -15.03 -5.13 -7.67
N TYR A 242 -14.62 -4.47 -8.75
CA TYR A 242 -15.54 -3.69 -9.56
C TYR A 242 -15.65 -4.24 -10.98
N SER A 243 -16.73 -3.90 -11.66
CA SER A 243 -16.90 -4.26 -13.07
C SER A 243 -16.17 -3.26 -13.94
N THR A 244 -15.52 -3.75 -15.00
CA THR A 244 -14.89 -2.84 -15.97
C THR A 244 -15.91 -2.21 -16.90
N ARG A 245 -17.16 -2.68 -16.84
CA ARG A 245 -18.20 -2.07 -17.67
C ARG A 245 -18.75 -0.81 -17.02
N GLY A 246 -18.25 -0.50 -15.82
CA GLY A 246 -18.54 0.76 -15.15
C GLY A 246 -17.36 1.73 -15.25
N ILE A 247 -17.19 2.58 -14.25
CA ILE A 247 -16.03 3.48 -14.24
C ILE A 247 -15.07 3.03 -13.16
N ALA A 248 -13.85 3.55 -13.21
CA ALA A 248 -12.86 3.15 -12.22
C ALA A 248 -13.14 3.82 -10.89
N ILE A 249 -12.89 3.10 -9.80
CA ILE A 249 -12.91 3.69 -8.49
C ILE A 249 -11.73 4.65 -8.41
N THR A 250 -11.81 5.64 -7.54
CA THR A 250 -10.79 6.68 -7.44
C THR A 250 -9.40 6.12 -7.15
N LEU A 251 -8.43 6.41 -8.02
CA LEU A 251 -7.04 5.96 -7.80
C LEU A 251 -6.47 6.65 -6.56
N SER A 252 -5.69 5.92 -5.77
CA SER A 252 -5.13 6.44 -4.53
C SER A 252 -3.61 6.24 -4.51
N ALA A 253 -2.88 7.24 -4.03
CA ALA A 253 -1.43 7.09 -3.93
C ALA A 253 -1.03 6.24 -2.72
N TYR A 254 -1.81 6.31 -1.66
CA TYR A 254 -1.38 5.72 -0.39
C TYR A 254 -2.38 4.75 0.20
N GLY A 255 -3.39 4.41 -0.59
CA GLY A 255 -4.38 3.43 -0.17
C GLY A 255 -3.75 2.09 0.13
N GLY A 256 -4.36 1.32 1.01
CA GLY A 256 -3.88 -0.02 1.31
C GLY A 256 -4.93 -1.04 0.90
N GLY A 257 -4.77 -2.27 1.40
CA GLY A 257 -5.66 -3.35 1.03
C GLY A 257 -5.04 -4.30 0.03
N ILE A 258 -5.75 -5.40 -0.22
CA ILE A 258 -5.29 -6.41 -1.17
C ILE A 258 -5.17 -5.81 -2.58
N PHE A 259 -6.14 -5.00 -2.95
CA PHE A 259 -6.13 -4.33 -4.25
C PHE A 259 -5.82 -2.85 -4.08
N ALA A 260 -4.71 -2.57 -3.39
CA ALA A 260 -4.33 -1.21 -3.04
C ALA A 260 -4.16 -0.31 -4.26
N LYS A 261 -4.45 0.98 -4.06
CA LYS A 261 -4.19 2.04 -5.04
C LYS A 261 -5.17 2.08 -6.20
N THR A 262 -5.45 0.93 -6.82
CA THR A 262 -6.29 0.90 -8.02
C THR A 262 -7.66 0.29 -7.76
N GLY A 263 -7.75 -0.50 -6.69
CA GLY A 263 -8.95 -1.30 -6.47
C GLY A 263 -8.89 -2.53 -7.36
N GLY A 264 -9.78 -3.48 -7.10
CA GLY A 264 -9.79 -4.70 -7.87
C GLY A 264 -10.83 -4.69 -8.97
N TYR A 265 -10.51 -5.35 -10.08
CA TYR A 265 -11.45 -5.48 -11.19
C TYR A 265 -11.64 -6.91 -11.66
N LEU A 266 -12.86 -7.21 -12.06
CA LEU A 266 -13.18 -8.50 -12.67
C LEU A 266 -12.89 -8.42 -14.16
N VAL A 267 -11.83 -9.10 -14.60
CA VAL A 267 -11.43 -9.04 -15.99
C VAL A 267 -11.24 -10.44 -16.55
N ASN A 268 -12.06 -10.80 -17.53
CA ASN A 268 -11.98 -12.12 -18.17
C ASN A 268 -11.85 -13.28 -17.17
N GLY A 269 -12.72 -13.30 -16.17
CA GLY A 269 -12.74 -14.37 -15.18
C GLY A 269 -11.78 -14.23 -14.01
N LYS A 270 -10.86 -13.26 -14.09
CA LYS A 270 -9.86 -13.06 -13.05
C LYS A 270 -10.12 -11.76 -12.28
N THR A 271 -9.69 -11.71 -11.02
CA THR A 271 -9.68 -10.44 -10.28
C THR A 271 -8.26 -9.89 -10.24
N ARG A 272 -8.09 -8.63 -10.63
CA ARG A 272 -6.77 -8.02 -10.69
C ARG A 272 -6.78 -6.53 -10.39
N LYS A 273 -5.61 -6.00 -10.04
CA LYS A 273 -5.40 -4.55 -10.02
C LYS A 273 -5.32 -4.03 -11.44
N LEU A 274 -5.46 -2.71 -11.60
CA LEU A 274 -5.16 -2.07 -12.87
C LEU A 274 -3.64 -1.97 -13.01
N HIS A 275 -3.17 -2.05 -14.25
CA HIS A 275 -1.77 -1.85 -14.60
C HIS A 275 -1.54 -0.34 -14.60
N PRO A 276 -0.31 0.10 -14.30
CA PRO A 276 -0.02 1.54 -14.35
C PRO A 276 -0.38 2.20 -15.70
N ARG A 277 -0.26 1.48 -16.81
CA ARG A 277 -0.74 2.03 -18.09
C ARG A 277 -2.25 2.28 -18.06
N GLU A 278 -2.99 1.36 -17.45
CA GLU A 278 -4.44 1.52 -17.35
C GLU A 278 -4.73 2.67 -16.39
N CYS A 279 -3.89 2.84 -15.38
CA CYS A 279 -4.01 4.01 -14.49
C CYS A 279 -3.79 5.29 -15.25
N ALA A 280 -2.79 5.29 -16.14
CA ALA A 280 -2.51 6.47 -16.96
C ALA A 280 -3.72 6.82 -17.80
N ARG A 281 -4.29 5.79 -18.42
CA ARG A 281 -5.46 5.96 -19.28
C ARG A 281 -6.66 6.47 -18.51
N VAL A 282 -6.91 5.95 -17.31
CA VAL A 282 -8.07 6.46 -16.58
C VAL A 282 -7.80 7.81 -15.92
N MET A 283 -6.56 8.30 -16.04
CA MET A 283 -6.22 9.68 -15.68
C MET A 283 -6.09 10.58 -16.91
N GLY A 284 -6.32 10.01 -18.09
CA GLY A 284 -6.33 10.79 -19.33
C GLY A 284 -4.95 11.00 -19.95
N TYR A 285 -3.94 10.31 -19.43
CA TYR A 285 -2.60 10.37 -20.01
C TYR A 285 -2.56 9.60 -21.32
N PRO A 286 -1.92 10.18 -22.36
CA PRO A 286 -1.80 9.53 -23.67
C PRO A 286 -0.92 8.29 -23.62
N ASP A 287 -1.09 7.35 -24.56
CA ASP A 287 -0.26 6.14 -24.57
C ASP A 287 1.20 6.45 -24.87
N SER A 288 1.44 7.63 -25.43
CA SER A 288 2.80 8.10 -25.69
C SER A 288 3.52 8.51 -24.41
N TYR A 289 2.79 8.65 -23.31
CA TYR A 289 3.40 9.00 -22.03
C TYR A 289 4.03 7.77 -21.41
N LYS A 290 5.32 7.84 -21.14
CA LYS A 290 6.04 6.73 -20.51
C LYS A 290 5.78 6.74 -18.99
N VAL A 291 5.38 5.60 -18.45
CA VAL A 291 5.15 5.51 -17.01
C VAL A 291 6.46 5.18 -16.29
N HIS A 292 6.48 5.30 -14.97
CA HIS A 292 7.74 5.06 -14.27
C HIS A 292 8.08 3.58 -14.38
N PRO A 293 9.38 3.27 -14.57
CA PRO A 293 9.81 1.86 -14.65
C PRO A 293 9.40 1.04 -13.43
N SER A 294 9.35 1.68 -12.27
CA SER A 294 8.88 1.02 -11.05
C SER A 294 7.35 1.02 -10.98
N THR A 295 6.76 -0.17 -10.94
CA THR A 295 5.30 -0.31 -10.86
C THR A 295 4.72 0.37 -9.62
N SER A 296 5.30 0.10 -8.46
CA SER A 296 4.78 0.70 -7.24
C SER A 296 4.94 2.22 -7.23
N GLN A 297 6.02 2.72 -7.82
CA GLN A 297 6.18 4.17 -7.90
C GLN A 297 5.16 4.78 -8.87
N ALA A 298 4.89 4.08 -9.97
CA ALA A 298 3.89 4.58 -10.92
C ALA A 298 2.50 4.67 -10.31
N TYR A 299 2.14 3.71 -9.47
CA TYR A 299 0.86 3.79 -8.78
C TYR A 299 0.76 5.03 -7.92
N LYS A 300 1.81 5.33 -7.15
CA LYS A 300 1.81 6.52 -6.28
C LYS A 300 1.68 7.79 -7.11
N GLN A 301 2.36 7.80 -8.24
CA GLN A 301 2.33 8.97 -9.10
C GLN A 301 0.96 9.20 -9.70
N PHE A 302 0.37 8.17 -10.30
CA PHE A 302 -0.93 8.37 -10.93
C PHE A 302 -2.01 8.60 -9.89
N GLY A 303 -1.86 7.97 -8.74
CA GLY A 303 -2.83 8.13 -7.67
C GLY A 303 -2.90 9.57 -7.18
N ASN A 304 -1.80 10.31 -7.31
CA ASN A 304 -1.75 11.72 -6.87
C ASN A 304 -1.74 12.72 -8.02
N SER A 305 -2.08 12.27 -9.22
CA SER A 305 -1.94 13.14 -10.39
C SER A 305 -3.25 13.87 -10.74
N VAL A 306 -3.23 14.59 -11.85
CA VAL A 306 -4.40 15.33 -12.31
C VAL A 306 -5.03 14.60 -13.50
N VAL A 307 -6.29 14.91 -13.76
CA VAL A 307 -6.97 14.30 -14.90
C VAL A 307 -6.82 15.18 -16.12
N ILE A 308 -6.09 14.68 -17.12
CA ILE A 308 -5.67 15.54 -18.23
C ILE A 308 -6.85 16.17 -18.94
N ASN A 309 -7.85 15.37 -19.30
CA ASN A 309 -8.96 15.89 -20.11
C ASN A 309 -9.67 17.07 -19.45
N VAL A 310 -9.89 16.98 -18.15
CA VAL A 310 -10.56 18.06 -17.41
C VAL A 310 -9.74 19.32 -17.47
N LEU A 311 -8.42 19.17 -17.35
CA LEU A 311 -7.53 20.33 -17.43
C LEU A 311 -7.52 20.91 -18.84
N GLN A 312 -7.67 20.04 -19.85
CA GLN A 312 -7.70 20.54 -21.24
C GLN A 312 -8.94 21.37 -21.46
N TYR A 313 -10.11 20.85 -21.06
CA TYR A 313 -11.34 21.64 -21.20
C TYR A 313 -11.26 22.98 -20.48
N ILE A 314 -10.73 23.00 -19.26
CA ILE A 314 -10.57 24.25 -18.52
C ILE A 314 -9.58 25.19 -19.18
N ALA A 315 -8.42 24.66 -19.58
CA ALA A 315 -7.40 25.47 -20.24
C ALA A 315 -7.96 26.13 -21.48
N TYR A 316 -8.79 25.39 -22.22
CA TYR A 316 -9.39 25.93 -23.43
C TYR A 316 -10.31 27.10 -23.10
N ASN A 317 -11.07 26.96 -22.02
CA ASN A 317 -11.99 27.99 -21.57
C ASN A 317 -11.30 29.20 -20.97
N ILE A 318 -10.15 28.97 -20.35
CA ILE A 318 -9.30 30.07 -19.89
C ILE A 318 -8.87 30.88 -21.10
N GLY A 319 -8.42 30.17 -22.13
CA GLY A 319 -8.04 30.82 -23.38
C GLY A 319 -9.20 31.54 -24.04
N SER A 320 -10.36 30.89 -24.05
CA SER A 320 -11.56 31.48 -24.63
C SER A 320 -11.85 32.83 -23.98
N SER A 321 -11.75 32.88 -22.64
CA SER A 321 -11.96 34.12 -21.89
C SER A 321 -10.88 35.15 -22.13
N LEU A 322 -9.62 34.72 -22.17
CA LEU A 322 -8.53 35.68 -22.38
C LEU A 322 -8.63 36.30 -23.77
N ASN A 323 -9.19 35.54 -24.71
CA ASN A 323 -9.20 35.98 -26.11
C ASN A 323 -10.40 36.82 -26.51
N PHE A 324 -11.41 36.87 -25.66
CA PHE A 324 -12.61 37.66 -25.96
C PHE A 324 -12.38 39.10 -25.51
N LYS A 325 -12.00 39.95 -26.46
CA LYS A 325 -11.58 41.31 -26.13
C LYS A 325 -12.19 42.33 -27.07
N PRO A 326 -13.52 42.46 -27.05
CA PRO A 326 -14.19 43.37 -27.98
C PRO A 326 -13.86 44.80 -27.67
N TYR A 327 -14.06 45.66 -28.67
CA TYR A 327 -13.98 47.09 -28.49
C TYR A 327 -15.20 47.56 -27.73
N MET B 1 16.86 -15.00 13.73
CA MET B 1 16.91 -16.44 13.95
C MET B 1 17.95 -16.75 15.04
N ILE B 2 17.70 -17.74 15.89
CA ILE B 2 18.73 -18.15 16.86
C ILE B 2 19.32 -19.50 16.50
N GLU B 3 20.48 -19.78 17.09
CA GLU B 3 21.19 -21.02 16.85
C GLU B 3 20.77 -22.05 17.89
N ILE B 4 20.40 -23.24 17.40
CA ILE B 4 20.05 -24.34 18.27
C ILE B 4 21.00 -25.52 18.02
N LYS B 5 21.80 -25.86 19.02
CA LYS B 5 22.80 -26.93 18.88
C LYS B 5 22.23 -28.26 19.34
N ASP B 6 21.34 -28.18 20.32
CA ASP B 6 20.61 -29.35 20.81
C ASP B 6 19.38 -29.58 19.93
N LYS B 7 19.50 -30.53 19.00
CA LYS B 7 18.48 -30.71 17.97
C LYS B 7 17.37 -31.61 18.41
N GLN B 8 16.44 -31.06 19.19
CA GLN B 8 15.38 -31.85 19.81
C GLN B 8 14.47 -32.58 18.82
N LEU B 9 14.41 -32.08 17.59
CA LEU B 9 13.51 -32.66 16.58
C LEU B 9 14.24 -33.58 15.59
N THR B 10 15.51 -33.88 15.86
CA THR B 10 16.27 -34.76 14.97
C THR B 10 15.53 -36.07 14.74
N GLY B 11 15.47 -36.51 13.49
CA GLY B 11 14.81 -37.75 13.15
C GLY B 11 13.30 -37.66 13.04
N LEU B 12 12.75 -36.44 13.08
CA LEU B 12 11.32 -36.26 12.90
C LEU B 12 11.02 -35.59 11.56
N ARG B 13 9.87 -35.90 10.99
CA ARG B 13 9.47 -35.36 9.69
C ARG B 13 8.34 -34.38 9.89
N PHE B 14 8.36 -33.28 9.15
CA PHE B 14 7.25 -32.35 9.23
C PHE B 14 6.79 -31.93 7.85
N ILE B 15 5.56 -31.44 7.76
CA ILE B 15 5.10 -30.82 6.53
C ILE B 15 4.79 -29.38 6.84
N ASP B 16 4.85 -28.55 5.80
CA ASP B 16 4.72 -27.11 5.98
C ASP B 16 3.62 -26.64 5.06
N LEU B 17 2.41 -26.56 5.60
CA LEU B 17 1.24 -26.10 4.87
C LEU B 17 1.12 -24.58 4.99
N PHE B 18 0.59 -23.94 3.96
CA PHE B 18 0.52 -22.48 3.90
C PHE B 18 1.89 -21.91 4.21
N ALA B 19 2.90 -22.50 3.58
CA ALA B 19 4.29 -22.30 3.94
C ALA B 19 4.74 -20.85 3.86
N GLY B 20 4.14 -20.08 2.95
CA GLY B 20 4.56 -18.71 2.74
C GLY B 20 6.04 -18.66 2.36
N LEU B 21 6.81 -17.89 3.14
CA LEU B 21 8.24 -17.77 2.96
C LEU B 21 9.02 -18.98 3.47
N GLY B 22 8.35 -19.87 4.20
CA GLY B 22 9.05 -21.03 4.74
C GLY B 22 9.60 -20.79 6.15
N GLY B 23 8.97 -19.87 6.86
CA GLY B 23 9.33 -19.61 8.25
C GLY B 23 9.28 -20.81 9.17
N PHE B 24 8.20 -21.59 9.10
CA PHE B 24 8.12 -22.82 9.91
C PHE B 24 9.24 -23.78 9.53
N ARG B 25 9.55 -23.84 8.24
CA ARG B 25 10.59 -24.74 7.80
C ARG B 25 11.94 -24.33 8.38
N LEU B 26 12.23 -23.02 8.38
CA LEU B 26 13.47 -22.54 8.99
C LEU B 26 13.50 -22.96 10.46
N ALA B 27 12.39 -22.75 11.15
CA ALA B 27 12.34 -23.01 12.58
C ALA B 27 12.55 -24.48 12.90
N LEU B 28 11.76 -25.35 12.26
CA LEU B 28 11.82 -26.77 12.58
C LEU B 28 13.12 -27.41 12.11
N GLU B 29 13.63 -26.98 10.95
CA GLU B 29 14.93 -27.49 10.49
C GLU B 29 16.06 -27.09 11.43
N SER B 30 15.97 -25.91 12.03
CA SER B 30 16.99 -25.46 12.99
C SER B 30 17.03 -26.39 14.20
N CYS B 31 15.95 -27.12 14.43
CA CYS B 31 15.88 -28.07 15.54
C CYS B 31 16.17 -29.49 15.10
N GLY B 32 16.51 -29.64 13.83
CA GLY B 32 16.89 -30.94 13.29
C GLY B 32 15.80 -31.72 12.58
N ALA B 33 14.60 -31.15 12.44
CA ALA B 33 13.52 -31.87 11.76
C ALA B 33 13.66 -31.81 10.23
N GLU B 34 13.04 -32.76 9.55
CA GLU B 34 13.16 -32.85 8.10
C GLU B 34 11.86 -32.54 7.39
N CYS B 35 11.90 -31.59 6.47
CA CYS B 35 10.68 -31.26 5.72
C CYS B 35 10.40 -32.28 4.61
N VAL B 36 9.23 -32.90 4.64
CA VAL B 36 8.90 -33.90 3.62
C VAL B 36 7.81 -33.47 2.64
N TYR B 37 7.25 -32.29 2.86
CA TYR B 37 6.21 -31.76 1.99
C TYR B 37 5.93 -30.32 2.36
N SER B 38 5.81 -29.46 1.35
CA SER B 38 5.38 -28.11 1.63
C SER B 38 4.35 -27.68 0.60
N ASN B 39 3.43 -26.84 1.06
CA ASN B 39 2.39 -26.31 0.20
C ASN B 39 2.25 -24.80 0.39
N GLU B 40 2.26 -24.07 -0.72
CA GLU B 40 2.02 -22.63 -0.64
C GLU B 40 1.27 -22.15 -1.88
N TRP B 41 0.19 -21.42 -1.61
CA TRP B 41 -0.75 -20.95 -2.59
C TRP B 41 -0.18 -19.88 -3.53
N ASP B 42 0.47 -18.87 -2.94
CA ASP B 42 0.87 -17.67 -3.69
C ASP B 42 2.10 -17.92 -4.58
N LYS B 43 2.02 -17.55 -5.85
CA LYS B 43 3.12 -17.83 -6.78
C LYS B 43 4.39 -17.07 -6.45
N TYR B 44 4.27 -15.85 -5.94
CA TYR B 44 5.45 -15.07 -5.60
C TYR B 44 6.09 -15.59 -4.32
N ALA B 45 5.27 -16.17 -3.46
CA ALA B 45 5.80 -16.81 -2.27
C ALA B 45 6.49 -18.13 -2.65
N GLN B 46 5.88 -18.89 -3.56
CA GLN B 46 6.51 -20.11 -4.08
C GLN B 46 7.88 -19.82 -4.66
N GLU B 47 7.95 -18.70 -5.37
CA GLU B 47 9.16 -18.20 -6.02
C GLU B 47 10.30 -18.05 -5.02
N VAL B 48 10.09 -17.19 -4.02
CA VAL B 48 11.11 -16.90 -3.01
C VAL B 48 11.42 -18.14 -2.16
N TYR B 49 10.40 -18.96 -1.89
CA TYR B 49 10.61 -20.22 -1.21
C TYR B 49 11.58 -21.07 -2.03
N GLU B 50 11.37 -21.12 -3.34
CA GLU B 50 12.24 -21.92 -4.21
C GLU B 50 13.66 -21.38 -4.19
N MET B 51 13.82 -20.05 -4.23
CA MET B 51 15.13 -19.41 -4.17
C MET B 51 15.92 -19.85 -2.96
N ASN B 52 15.22 -20.12 -1.87
CA ASN B 52 15.87 -20.38 -0.59
C ASN B 52 16.01 -21.84 -0.21
N PHE B 53 15.08 -22.67 -0.68
CA PHE B 53 15.08 -24.08 -0.28
C PHE B 53 15.30 -25.07 -1.42
N GLY B 54 15.35 -24.58 -2.65
CA GLY B 54 15.65 -25.43 -3.80
C GLY B 54 14.45 -26.04 -4.48
N GLU B 55 13.37 -26.24 -3.73
CA GLU B 55 12.16 -26.82 -4.29
C GLU B 55 10.97 -25.87 -4.24
N LYS B 56 10.05 -26.03 -5.18
CA LYS B 56 8.83 -25.22 -5.18
C LYS B 56 7.74 -25.94 -4.40
N PRO B 57 7.10 -25.23 -3.47
CA PRO B 57 6.01 -25.90 -2.76
C PRO B 57 4.88 -26.21 -3.73
N GLU B 58 4.11 -27.23 -3.41
CA GLU B 58 2.92 -27.55 -4.19
C GLU B 58 1.94 -26.41 -3.99
N GLY B 59 1.09 -26.18 -4.99
CA GLY B 59 0.11 -25.11 -4.92
C GLY B 59 -1.22 -25.63 -4.39
N ASP B 60 -2.30 -24.90 -4.67
CA ASP B 60 -3.64 -25.13 -4.09
C ASP B 60 -3.84 -26.45 -3.35
N ILE B 61 -3.83 -26.37 -2.02
CA ILE B 61 -3.93 -27.54 -1.16
C ILE B 61 -5.28 -28.28 -1.36
N THR B 62 -6.26 -27.61 -1.95
CA THR B 62 -7.57 -28.23 -2.17
C THR B 62 -7.55 -29.28 -3.29
N GLN B 63 -6.62 -29.14 -4.24
CA GLN B 63 -6.48 -30.14 -5.30
C GLN B 63 -5.75 -31.37 -4.80
N VAL B 64 -5.04 -31.20 -3.69
CA VAL B 64 -4.18 -32.24 -3.16
C VAL B 64 -4.92 -33.18 -2.22
N ASN B 65 -5.00 -34.45 -2.61
CA ASN B 65 -5.68 -35.45 -1.81
C ASN B 65 -4.84 -35.80 -0.58
N GLU B 66 -5.49 -35.86 0.58
CA GLU B 66 -4.76 -36.14 1.83
C GLU B 66 -4.00 -37.47 1.82
N LYS B 67 -4.50 -38.45 1.07
CA LYS B 67 -3.84 -39.75 0.98
C LYS B 67 -2.46 -39.67 0.33
N THR B 68 -2.25 -38.61 -0.44
CA THR B 68 -0.99 -38.43 -1.14
C THR B 68 0.08 -37.70 -0.31
N ILE B 69 -0.33 -37.08 0.79
CA ILE B 69 0.56 -36.40 1.71
C ILE B 69 1.51 -37.43 2.34
N PRO B 70 2.82 -37.16 2.30
CA PRO B 70 3.80 -38.08 2.89
C PRO B 70 3.57 -38.24 4.38
N ASP B 71 3.94 -39.39 4.93
CA ASP B 71 3.89 -39.60 6.36
C ASP B 71 4.78 -38.56 7.05
N HIS B 72 4.33 -38.07 8.19
CA HIS B 72 5.07 -37.04 8.90
C HIS B 72 4.71 -37.04 10.37
N ASP B 73 5.58 -36.45 11.19
CA ASP B 73 5.41 -36.44 12.63
C ASP B 73 4.81 -35.12 13.12
N ILE B 74 5.11 -34.03 12.43
CA ILE B 74 4.62 -32.72 12.83
C ILE B 74 3.98 -31.99 11.66
N LEU B 75 2.74 -31.54 11.82
CA LEU B 75 2.12 -30.75 10.77
C LEU B 75 2.18 -29.28 11.19
N CYS B 76 2.79 -28.45 10.35
CA CYS B 76 2.84 -27.01 10.60
C CYS B 76 1.92 -26.25 9.67
N ALA B 77 1.28 -25.20 10.19
CA ALA B 77 0.45 -24.35 9.35
C ALA B 77 0.20 -22.98 9.97
N GLY B 78 0.74 -21.94 9.35
CA GLY B 78 0.30 -20.60 9.68
C GLY B 78 -0.82 -20.31 8.70
N PHE B 79 -2.04 -20.69 9.06
CA PHE B 79 -3.15 -20.69 8.09
C PHE B 79 -4.01 -19.43 8.14
N PRO B 80 -4.69 -19.10 7.03
CA PRO B 80 -5.52 -17.90 6.97
C PRO B 80 -6.71 -17.99 7.91
N CYS B 81 -6.93 -16.95 8.72
CA CYS B 81 -8.12 -16.88 9.55
C CYS B 81 -9.38 -16.73 8.68
N GLN B 82 -10.36 -17.62 8.90
CA GLN B 82 -11.66 -17.53 8.23
C GLN B 82 -12.76 -17.88 9.22
N ALA B 83 -13.92 -17.23 9.06
CA ALA B 83 -15.08 -17.54 9.88
C ALA B 83 -15.77 -18.80 9.37
N PHE B 84 -16.27 -19.62 10.29
CA PHE B 84 -17.04 -20.79 9.91
C PHE B 84 -18.53 -20.48 10.03
N SER B 85 -19.35 -21.17 9.25
CA SER B 85 -20.79 -20.99 9.28
C SER B 85 -21.45 -21.97 10.25
N GLY B 92 -17.59 -28.13 15.35
CA GLY B 92 -16.39 -28.93 15.37
C GLY B 92 -15.88 -29.28 13.98
N PHE B 93 -15.57 -30.56 13.77
CA PHE B 93 -14.98 -31.03 12.51
C PHE B 93 -15.83 -30.72 11.27
N GLU B 94 -17.13 -31.02 11.34
CA GLU B 94 -18.01 -30.73 10.21
C GLU B 94 -18.27 -29.23 10.08
N ASP B 95 -18.14 -28.50 11.19
CA ASP B 95 -18.36 -27.07 11.18
C ASP B 95 -17.14 -26.30 10.66
N SER B 96 -16.06 -27.02 10.35
CA SER B 96 -14.86 -26.40 9.79
C SER B 96 -14.82 -26.52 8.26
N ARG B 97 -15.76 -27.28 7.70
CA ARG B 97 -15.84 -27.48 6.25
C ARG B 97 -16.01 -26.17 5.47
N GLY B 98 -15.42 -26.13 4.29
CA GLY B 98 -15.49 -24.94 3.44
C GLY B 98 -14.31 -24.01 3.60
N THR B 99 -13.65 -24.07 4.75
CA THR B 99 -12.51 -23.22 5.04
C THR B 99 -11.16 -23.90 4.79
N LEU B 100 -10.12 -23.09 4.70
CA LEU B 100 -8.76 -23.61 4.54
C LEU B 100 -8.36 -24.45 5.76
N PHE B 101 -8.94 -24.13 6.92
CA PHE B 101 -8.70 -24.94 8.11
C PHE B 101 -9.14 -26.39 7.93
N PHE B 102 -10.18 -26.60 7.13
CA PHE B 102 -10.66 -27.94 6.85
C PHE B 102 -9.61 -28.78 6.14
N ASP B 103 -8.80 -28.14 5.31
CA ASP B 103 -7.72 -28.82 4.64
C ASP B 103 -6.75 -29.38 5.68
N ILE B 104 -6.44 -28.58 6.70
CA ILE B 104 -5.62 -29.06 7.81
C ILE B 104 -6.31 -30.23 8.51
N ALA B 105 -7.59 -30.08 8.84
CA ALA B 105 -8.33 -31.13 9.54
C ALA B 105 -8.39 -32.44 8.76
N ARG B 106 -8.60 -32.37 7.44
CA ARG B 106 -8.67 -33.60 6.65
C ARG B 106 -7.33 -34.31 6.54
N ILE B 107 -6.24 -33.53 6.46
CA ILE B 107 -4.92 -34.13 6.44
C ILE B 107 -4.60 -34.74 7.82
N VAL B 108 -4.90 -34.01 8.88
CA VAL B 108 -4.66 -34.53 10.24
C VAL B 108 -5.37 -35.86 10.44
N ARG B 109 -6.63 -35.90 10.03
CA ARG B 109 -7.42 -37.12 10.16
C ARG B 109 -6.80 -38.30 9.40
N GLU B 110 -6.27 -38.03 8.20
CA GLU B 110 -5.68 -39.09 7.39
C GLU B 110 -4.31 -39.52 7.88
N LYS B 111 -3.43 -38.55 8.15
CA LYS B 111 -2.03 -38.84 8.44
C LYS B 111 -1.69 -38.95 9.92
N LYS B 112 -2.58 -38.48 10.78
CA LYS B 112 -2.41 -38.54 12.23
C LYS B 112 -1.00 -38.23 12.75
N PRO B 113 -0.48 -37.03 12.44
CA PRO B 113 0.86 -36.69 12.94
C PRO B 113 0.88 -36.66 14.46
N LYS B 114 2.07 -36.75 15.06
CA LYS B 114 2.19 -36.64 16.51
C LYS B 114 1.80 -35.26 17.02
N VAL B 115 2.12 -34.24 16.23
CA VAL B 115 1.92 -32.87 16.66
C VAL B 115 1.35 -32.00 15.54
N VAL B 116 0.42 -31.12 15.90
CA VAL B 116 -0.07 -30.11 14.97
C VAL B 116 0.30 -28.76 15.57
N PHE B 117 1.02 -27.96 14.80
CA PHE B 117 1.62 -26.73 15.27
C PHE B 117 1.12 -25.60 14.36
N MET B 118 0.26 -24.72 14.88
CA MET B 118 -0.38 -23.69 14.07
C MET B 118 -0.17 -22.30 14.65
N GLU B 119 -0.30 -21.30 13.80
CA GLU B 119 -0.07 -19.93 14.22
C GLU B 119 -1.14 -19.10 13.57
N ASN B 120 -1.56 -18.02 14.23
CA ASN B 120 -2.52 -17.09 13.63
C ASN B 120 -2.48 -15.70 14.27
N VAL B 121 -3.38 -14.82 13.86
CA VAL B 121 -3.33 -13.43 14.34
C VAL B 121 -3.68 -13.30 15.82
N LYS B 122 -3.24 -12.22 16.46
CA LYS B 122 -3.42 -12.09 17.91
C LYS B 122 -4.88 -12.11 18.36
N ASN B 123 -5.76 -11.57 17.53
CA ASN B 123 -7.18 -11.49 17.87
C ASN B 123 -7.95 -12.76 17.56
N PHE B 124 -7.24 -13.80 17.11
CA PHE B 124 -7.87 -15.03 16.67
C PHE B 124 -8.84 -15.57 17.70
N ALA B 125 -8.47 -15.42 18.98
CA ALA B 125 -9.29 -15.85 20.10
C ALA B 125 -10.63 -15.11 20.17
N SER B 126 -10.68 -13.93 19.55
CA SER B 126 -11.87 -13.07 19.59
C SER B 126 -12.75 -13.18 18.35
N HIS B 127 -12.16 -13.60 17.23
CA HIS B 127 -12.87 -13.68 15.95
C HIS B 127 -14.20 -14.45 16.03
N ASP B 128 -15.18 -13.99 15.24
CA ASP B 128 -16.54 -14.55 15.23
C ASP B 128 -17.09 -14.78 16.63
N ASN B 129 -16.90 -13.77 17.49
CA ASN B 129 -17.32 -13.82 18.89
C ASN B 129 -16.76 -15.01 19.69
N GLY B 130 -15.65 -15.57 19.21
CA GLY B 130 -14.92 -16.57 19.96
C GLY B 130 -15.00 -17.99 19.45
N ASN B 131 -15.87 -18.25 18.47
CA ASN B 131 -16.06 -19.62 18.01
C ASN B 131 -15.22 -20.06 16.80
N THR B 132 -14.48 -19.14 16.18
CA THR B 132 -13.47 -19.56 15.22
C THR B 132 -12.47 -20.40 16.01
N LEU B 133 -12.06 -19.88 17.16
CA LEU B 133 -11.15 -20.59 18.05
C LEU B 133 -11.80 -21.87 18.57
N GLU B 134 -13.06 -21.76 18.95
CA GLU B 134 -13.80 -22.90 19.48
C GLU B 134 -13.96 -24.02 18.45
N VAL B 135 -14.25 -23.65 17.20
CA VAL B 135 -14.29 -24.66 16.13
C VAL B 135 -12.93 -25.36 15.95
N VAL B 136 -11.85 -24.59 15.85
CA VAL B 136 -10.51 -25.15 15.72
C VAL B 136 -10.20 -26.07 16.90
N LYS B 137 -10.42 -25.59 18.12
CA LYS B 137 -10.17 -26.38 19.32
C LYS B 137 -11.00 -27.67 19.35
N ASN B 138 -12.29 -27.56 19.08
CA ASN B 138 -13.16 -28.74 19.08
C ASN B 138 -12.82 -29.72 17.96
N THR B 139 -12.47 -29.20 16.79
CA THR B 139 -12.03 -30.05 15.69
C THR B 139 -10.80 -30.84 16.09
N MET B 140 -9.83 -30.15 16.71
CA MET B 140 -8.60 -30.82 17.13
C MET B 140 -8.88 -31.88 18.20
N ASN B 141 -9.75 -31.54 19.15
CA ASN B 141 -10.15 -32.51 20.17
C ASN B 141 -10.82 -33.74 19.55
N GLU B 142 -11.77 -33.51 18.66
CA GLU B 142 -12.46 -34.59 17.97
C GLU B 142 -11.51 -35.46 17.15
N LEU B 143 -10.40 -34.89 16.70
CA LEU B 143 -9.41 -35.66 15.95
C LEU B 143 -8.42 -36.34 16.89
N ASP B 144 -8.71 -36.29 18.19
CA ASP B 144 -7.93 -36.98 19.23
C ASP B 144 -6.60 -36.28 19.56
N TYR B 145 -6.64 -34.95 19.57
CA TYR B 145 -5.49 -34.12 19.96
C TYR B 145 -5.83 -33.21 21.14
N SER B 146 -4.85 -32.96 21.99
CA SER B 146 -4.98 -31.91 22.99
C SER B 146 -4.88 -30.56 22.26
N PHE B 147 -5.12 -29.47 22.97
CA PHE B 147 -5.08 -28.14 22.35
C PHE B 147 -4.53 -27.11 23.32
N HIS B 148 -3.36 -26.56 23.00
CA HIS B 148 -2.72 -25.57 23.85
C HIS B 148 -2.55 -24.33 23.00
N ALA B 149 -3.05 -23.21 23.50
CA ALA B 149 -3.00 -21.97 22.75
C ALA B 149 -2.56 -20.86 23.67
N LYS B 150 -1.75 -19.95 23.15
CA LYS B 150 -1.29 -18.81 23.92
C LYS B 150 -0.88 -17.74 22.96
N VAL B 151 -1.18 -16.50 23.33
CA VAL B 151 -0.75 -15.37 22.55
C VAL B 151 0.63 -15.00 23.06
N LEU B 152 1.60 -14.96 22.15
CA LEU B 152 2.95 -14.58 22.51
C LEU B 152 3.35 -13.37 21.68
N ASN B 153 4.12 -12.48 22.30
CA ASN B 153 4.57 -11.26 21.64
C ASN B 153 6.05 -11.39 21.29
N ALA B 154 6.39 -11.11 20.03
CA ALA B 154 7.77 -11.18 19.55
C ALA B 154 8.78 -10.48 20.46
N LEU B 155 8.40 -9.33 21.02
CA LEU B 155 9.34 -8.53 21.83
C LEU B 155 9.79 -9.28 23.08
N ASP B 156 9.02 -10.27 23.49
CA ASP B 156 9.35 -11.08 24.68
C ASP B 156 10.25 -12.27 24.37
N TYR B 157 10.61 -12.41 23.10
CA TYR B 157 11.42 -13.54 22.65
C TYR B 157 12.56 -13.13 21.74
N GLY B 158 13.15 -11.97 22.06
CA GLY B 158 14.39 -11.53 21.43
C GLY B 158 14.26 -10.77 20.12
N ILE B 159 13.03 -10.47 19.71
CA ILE B 159 12.82 -9.82 18.42
C ILE B 159 12.17 -8.46 18.67
N PRO B 160 12.81 -7.39 18.20
CA PRO B 160 12.29 -6.06 18.53
C PRO B 160 11.15 -5.65 17.61
N GLN B 161 10.02 -6.31 17.80
CA GLN B 161 8.81 -5.94 17.09
C GLN B 161 7.60 -6.18 17.98
N LYS B 162 6.70 -5.21 17.96
CA LYS B 162 5.41 -5.35 18.58
C LYS B 162 4.62 -6.27 17.68
N ARG B 163 4.47 -7.53 18.09
CA ARG B 163 3.76 -8.47 17.23
C ARG B 163 3.24 -9.64 18.04
N GLU B 164 1.98 -9.52 18.47
CA GLU B 164 1.35 -10.62 19.19
C GLU B 164 0.67 -11.53 18.19
N ARG B 165 0.81 -12.83 18.41
CA ARG B 165 0.20 -13.80 17.53
C ARG B 165 -0.24 -14.94 18.43
N ILE B 166 -1.23 -15.71 17.98
CA ILE B 166 -1.62 -16.88 18.75
C ILE B 166 -0.88 -18.09 18.22
N TYR B 167 -0.42 -18.95 19.12
CA TYR B 167 0.31 -20.13 18.73
C TYR B 167 -0.47 -21.28 19.33
N MET B 168 -0.76 -22.28 18.51
CA MET B 168 -1.61 -23.40 18.91
C MET B 168 -0.86 -24.70 18.70
N ILE B 169 -0.70 -25.46 19.77
CA ILE B 169 0.11 -26.67 19.70
C ILE B 169 -0.77 -27.83 20.14
N CYS B 170 -0.83 -28.88 19.32
CA CYS B 170 -1.73 -29.99 19.59
C CYS B 170 -0.96 -31.29 19.57
N PHE B 171 -1.13 -32.11 20.62
CA PHE B 171 -0.45 -33.38 20.68
C PHE B 171 -1.46 -34.52 20.58
N ARG B 172 -1.13 -35.55 19.81
CA ARG B 172 -1.99 -36.71 19.65
C ARG B 172 -2.09 -37.38 21.02
N ASN B 173 -3.32 -37.66 21.45
CA ASN B 173 -3.59 -38.09 22.82
C ASN B 173 -2.86 -39.36 23.26
N ASP B 174 -2.63 -40.29 22.32
CA ASP B 174 -2.01 -41.58 22.68
C ASP B 174 -0.57 -41.40 23.17
N LEU B 175 0.01 -40.25 22.87
CA LEU B 175 1.40 -39.99 23.27
C LEU B 175 1.47 -39.59 24.74
N ASN B 176 0.31 -39.25 25.31
CA ASN B 176 0.22 -38.80 26.69
C ASN B 176 1.21 -37.69 27.07
N ILE B 177 1.26 -36.63 26.28
CA ILE B 177 2.15 -35.52 26.62
C ILE B 177 1.48 -34.63 27.65
N GLN B 178 2.13 -34.42 28.80
CA GLN B 178 1.54 -33.63 29.88
C GLN B 178 2.43 -32.49 30.32
N ASN B 179 3.58 -32.34 29.68
CA ASN B 179 4.54 -31.34 30.14
C ASN B 179 4.89 -30.30 29.08
N PHE B 180 4.02 -30.10 28.10
CA PHE B 180 4.34 -29.08 27.12
C PHE B 180 4.21 -27.72 27.78
N GLN B 181 5.18 -26.86 27.54
CA GLN B 181 5.08 -25.52 28.04
C GLN B 181 5.50 -24.51 26.98
N PHE B 182 4.76 -23.41 26.91
CA PHE B 182 5.18 -22.33 26.06
C PHE B 182 6.48 -21.79 26.63
N PRO B 183 7.40 -21.35 25.76
CA PRO B 183 8.66 -20.79 26.23
C PRO B 183 8.41 -19.60 27.14
N LYS B 184 9.28 -19.42 28.11
CA LYS B 184 9.13 -18.29 29.01
C LYS B 184 9.76 -17.05 28.40
N PRO B 185 9.10 -15.90 28.59
CA PRO B 185 9.60 -14.65 28.01
C PRO B 185 10.94 -14.26 28.65
N PHE B 186 11.73 -13.47 27.96
CA PHE B 186 13.02 -13.04 28.49
C PHE B 186 13.29 -11.60 28.10
N GLU B 187 14.34 -11.02 28.68
CA GLU B 187 14.68 -9.60 28.41
C GLU B 187 15.10 -9.35 26.96
N LEU B 188 14.54 -8.31 26.35
CA LEU B 188 14.93 -7.95 24.98
C LEU B 188 16.29 -7.25 24.94
N ASN B 189 17.19 -7.77 24.13
CA ASN B 189 18.55 -7.21 24.04
C ASN B 189 18.89 -6.71 22.65
N THR B 190 17.93 -6.77 21.74
CA THR B 190 18.14 -6.32 20.36
C THR B 190 17.06 -5.32 20.03
N PHE B 191 17.42 -4.21 19.41
CA PHE B 191 16.43 -3.18 19.09
C PHE B 191 16.49 -2.88 17.61
N VAL B 192 15.61 -2.01 17.14
CA VAL B 192 15.54 -1.78 15.69
C VAL B 192 16.89 -1.31 15.16
N LYS B 193 17.51 -0.42 15.91
CA LYS B 193 18.80 0.17 15.56
C LYS B 193 19.85 -0.90 15.24
N ASP B 194 19.74 -2.03 15.93
CA ASP B 194 20.70 -3.12 15.75
C ASP B 194 20.52 -3.89 14.44
N LEU B 195 19.44 -3.59 13.71
CA LEU B 195 19.09 -4.37 12.52
C LEU B 195 19.12 -3.56 11.24
N LEU B 196 19.54 -2.30 11.34
CA LEU B 196 19.51 -1.40 10.20
C LEU B 196 20.65 -1.64 9.20
N LEU B 197 20.36 -1.40 7.92
CA LEU B 197 21.34 -1.34 6.85
C LEU B 197 21.99 0.04 6.83
N PRO B 198 23.17 0.16 6.20
CA PRO B 198 23.77 1.49 6.03
C PRO B 198 22.86 2.44 5.26
N ASP B 199 22.96 3.74 5.55
CA ASP B 199 22.11 4.74 4.92
C ASP B 199 22.07 4.67 3.39
N SER B 200 23.18 4.27 2.78
CA SER B 200 23.27 4.25 1.32
C SER B 200 22.31 3.26 0.68
N GLU B 201 22.03 2.17 1.39
CA GLU B 201 21.26 1.07 0.82
C GLU B 201 19.77 1.34 0.92
N VAL B 202 19.40 2.40 1.63
CA VAL B 202 18.01 2.68 1.91
C VAL B 202 17.56 4.06 1.48
N GLU B 203 18.44 4.79 0.78
CA GLU B 203 18.12 6.16 0.38
C GLU B 203 16.77 6.27 -0.33
N HIS B 204 16.45 5.26 -1.13
CA HIS B 204 15.21 5.25 -1.89
C HIS B 204 13.97 5.17 -1.00
N LEU B 205 14.16 4.73 0.24
CA LEU B 205 13.05 4.59 1.17
C LEU B 205 12.82 5.84 1.99
N VAL B 206 13.65 6.85 1.78
CA VAL B 206 13.53 8.08 2.57
C VAL B 206 12.39 8.89 2.00
N ILE B 207 11.57 9.43 2.89
CA ILE B 207 10.49 10.32 2.46
C ILE B 207 10.66 11.67 3.16
N ASP B 208 10.95 12.70 2.38
CA ASP B 208 11.13 14.05 2.88
C ASP B 208 9.81 14.77 2.73
N ARG B 209 9.19 15.14 3.84
CA ARG B 209 7.90 15.82 3.76
C ARG B 209 7.84 17.08 4.59
N LYS B 210 7.21 18.10 4.02
CA LYS B 210 7.11 19.41 4.67
C LYS B 210 6.08 19.38 5.79
N ASP B 211 5.16 18.43 5.74
CA ASP B 211 4.15 18.31 6.79
C ASP B 211 4.60 17.38 7.92
N LEU B 212 5.89 17.05 7.93
CA LEU B 212 6.47 16.31 9.05
C LEU B 212 6.44 17.16 10.31
N VAL B 213 5.94 16.57 11.39
CA VAL B 213 5.99 17.25 12.68
C VAL B 213 6.62 16.30 13.70
N MET B 214 7.84 16.62 14.14
CA MET B 214 8.48 15.83 15.19
C MET B 214 7.95 16.29 16.54
N THR B 215 7.45 15.35 17.32
CA THR B 215 6.74 15.65 18.55
C THR B 215 7.55 15.31 19.80
N ASN B 216 8.49 14.40 19.64
CA ASN B 216 9.38 13.98 20.72
C ASN B 216 10.82 13.93 20.27
N GLN B 217 11.72 14.08 21.24
CA GLN B 217 13.16 14.01 21.01
C GLN B 217 13.58 12.55 20.99
N GLU B 218 14.57 12.22 20.17
CA GLU B 218 15.17 10.88 20.16
C GLU B 218 15.54 10.45 21.59
N ILE B 219 15.32 9.19 21.91
CA ILE B 219 15.57 8.71 23.27
C ILE B 219 17.02 8.30 23.46
N GLU B 220 17.45 8.16 24.71
CA GLU B 220 18.85 7.90 25.01
C GLU B 220 19.11 6.44 25.39
N GLN B 221 18.06 5.73 25.77
CA GLN B 221 18.19 4.36 26.22
C GLN B 221 17.23 3.48 25.42
N THR B 222 17.72 2.32 25.00
CA THR B 222 16.85 1.41 24.27
C THR B 222 15.73 0.97 25.19
N THR B 223 14.55 0.79 24.64
CA THR B 223 13.43 0.38 25.46
C THR B 223 12.55 -0.59 24.69
N PRO B 224 11.99 -1.58 25.37
CA PRO B 224 11.24 -2.62 24.66
C PRO B 224 9.80 -2.21 24.38
N LYS B 225 9.61 -1.04 23.79
CA LYS B 225 8.29 -0.61 23.38
C LYS B 225 8.44 0.24 22.13
N THR B 226 7.32 0.50 21.45
CA THR B 226 7.32 1.39 20.31
C THR B 226 7.38 2.82 20.85
N VAL B 227 8.25 3.63 20.26
CA VAL B 227 8.43 4.99 20.71
C VAL B 227 8.14 5.92 19.54
N ARG B 228 7.00 6.61 19.60
CA ARG B 228 6.64 7.53 18.51
C ARG B 228 7.35 8.86 18.66
N LEU B 229 8.01 9.32 17.59
CA LEU B 229 8.77 10.58 17.61
C LEU B 229 8.10 11.69 16.82
N GLY B 230 7.24 11.30 15.88
CA GLY B 230 6.67 12.31 14.99
C GLY B 230 5.55 11.77 14.12
N ILE B 231 4.92 12.66 13.37
CA ILE B 231 3.86 12.29 12.44
C ILE B 231 3.98 13.09 11.16
N VAL B 232 3.32 12.59 10.14
CA VAL B 232 3.19 13.30 8.89
C VAL B 232 1.69 13.33 8.60
N GLY B 233 1.23 14.34 7.87
CA GLY B 233 -0.16 14.42 7.48
C GLY B 233 -1.11 14.45 8.67
N LYS B 234 -2.07 13.54 8.68
CA LYS B 234 -3.06 13.49 9.74
C LYS B 234 -2.61 12.64 10.94
N GLY B 235 -1.44 12.04 10.83
CA GLY B 235 -0.89 11.25 11.92
C GLY B 235 -1.59 9.92 12.14
N GLY B 236 -2.17 9.36 11.09
CA GLY B 236 -2.83 8.07 11.21
C GLY B 236 -1.95 6.90 10.78
N GLN B 237 -2.59 5.88 10.21
CA GLN B 237 -1.90 4.66 9.78
C GLN B 237 -0.87 4.92 8.69
N GLY B 238 0.36 4.46 8.91
CA GLY B 238 1.40 4.69 7.94
C GLY B 238 1.90 6.11 7.96
N GLU B 239 1.43 6.90 8.92
CA GLU B 239 1.82 8.32 9.00
C GLU B 239 2.51 8.65 10.31
N ARG B 240 3.11 7.64 10.95
CA ARG B 240 3.78 7.86 12.22
C ARG B 240 5.23 7.45 12.16
N ILE B 241 6.08 8.20 12.87
CA ILE B 241 7.53 8.02 12.84
C ILE B 241 8.02 7.54 14.20
N TYR B 242 8.80 6.47 14.21
CA TYR B 242 9.19 5.81 15.46
C TYR B 242 10.68 5.85 15.69
N SER B 243 11.10 5.64 16.94
CA SER B 243 12.52 5.60 17.26
C SER B 243 13.09 4.21 16.97
N THR B 244 14.28 4.16 16.37
CA THR B 244 14.97 2.86 16.19
C THR B 244 15.56 2.36 17.51
N ARG B 245 15.49 3.18 18.55
CA ARG B 245 15.98 2.68 19.86
C ARG B 245 14.88 1.94 20.61
N GLY B 246 13.70 1.94 20.02
CA GLY B 246 12.58 1.18 20.55
C GLY B 246 12.47 -0.10 19.74
N ILE B 247 11.27 -0.66 19.71
CA ILE B 247 11.02 -1.83 18.87
C ILE B 247 10.21 -1.41 17.65
N ALA B 248 10.13 -2.28 16.66
CA ALA B 248 9.39 -1.96 15.44
C ALA B 248 7.87 -2.03 15.65
N ILE B 249 7.10 -1.16 14.99
CA ILE B 249 5.66 -1.37 15.01
C ILE B 249 5.36 -2.59 14.17
N THR B 250 4.18 -3.16 14.37
CA THR B 250 3.77 -4.38 13.70
C THR B 250 3.83 -4.23 12.17
N LEU B 251 4.59 -5.10 11.51
CA LEU B 251 4.63 -5.11 10.04
C LEU B 251 3.27 -5.53 9.54
N SER B 252 2.77 -4.83 8.52
CA SER B 252 1.47 -5.15 7.96
C SER B 252 1.62 -5.47 6.47
N ALA B 253 0.93 -6.51 6.01
CA ALA B 253 1.02 -6.88 4.60
C ALA B 253 0.23 -5.91 3.74
N TYR B 254 -0.85 -5.37 4.28
CA TYR B 254 -1.76 -4.62 3.42
C TYR B 254 -2.08 -3.20 3.89
N GLY B 255 -1.34 -2.74 4.89
CA GLY B 255 -1.56 -1.39 5.41
C GLY B 255 -1.28 -0.33 4.35
N GLY B 256 -1.89 0.85 4.51
CA GLY B 256 -1.63 1.95 3.59
C GLY B 256 -0.93 3.10 4.31
N GLY B 257 -0.94 4.27 3.68
CA GLY B 257 -0.29 5.43 4.27
C GLY B 257 1.07 5.71 3.66
N ILE B 258 1.63 6.87 3.99
CA ILE B 258 2.93 7.28 3.46
C ILE B 258 4.04 6.30 3.82
N PHE B 259 4.03 5.83 5.06
CA PHE B 259 4.99 4.81 5.48
C PHE B 259 4.30 3.46 5.58
N ALA B 260 3.58 3.09 4.53
CA ALA B 260 2.80 1.86 4.46
C ALA B 260 3.65 0.62 4.77
N LYS B 261 3.03 -0.37 5.42
CA LYS B 261 3.61 -1.70 5.67
C LYS B 261 4.61 -1.72 6.80
N THR B 262 5.60 -0.82 6.78
CA THR B 262 6.67 -0.86 7.77
C THR B 262 6.54 0.15 8.90
N GLY B 263 5.84 1.24 8.63
CA GLY B 263 5.90 2.40 9.50
C GLY B 263 7.16 3.18 9.16
N GLY B 264 7.25 4.39 9.69
CA GLY B 264 8.41 5.23 9.41
C GLY B 264 9.34 5.29 10.59
N TYR B 265 10.63 5.44 10.32
CA TYR B 265 11.62 5.49 11.39
C TYR B 265 12.53 6.68 11.20
N LEU B 266 12.92 7.28 12.32
CA LEU B 266 13.92 8.35 12.32
C LEU B 266 15.29 7.69 12.30
N VAL B 267 15.97 7.82 11.17
CA VAL B 267 17.27 7.20 11.01
C VAL B 267 18.26 8.25 10.51
N ASN B 268 19.22 8.60 11.35
CA ASN B 268 20.25 9.56 10.99
C ASN B 268 19.72 10.85 10.36
N GLY B 269 18.76 11.49 11.04
CA GLY B 269 18.23 12.76 10.59
C GLY B 269 17.19 12.65 9.49
N LYS B 270 16.84 11.43 9.10
CA LYS B 270 15.90 11.22 8.02
C LYS B 270 14.75 10.30 8.45
N THR B 271 13.60 10.47 7.81
CA THR B 271 12.44 9.61 8.07
C THR B 271 12.23 8.68 6.89
N ARG B 272 12.22 7.39 7.17
CA ARG B 272 12.15 6.41 6.09
C ARG B 272 11.39 5.15 6.49
N LYS B 273 10.96 4.40 5.49
CA LYS B 273 10.41 3.08 5.75
C LYS B 273 11.57 2.15 6.03
N LEU B 274 11.25 0.97 6.55
CA LEU B 274 12.24 -0.10 6.65
C LEU B 274 12.48 -0.76 5.28
N HIS B 275 13.70 -1.19 5.07
CA HIS B 275 14.08 -1.95 3.88
C HIS B 275 13.57 -3.38 4.03
N PRO B 276 13.27 -4.04 2.90
CA PRO B 276 12.88 -5.46 2.96
C PRO B 276 13.83 -6.34 3.80
N ARG B 277 15.12 -6.08 3.75
CA ARG B 277 16.07 -6.84 4.59
C ARG B 277 15.86 -6.52 6.07
N GLU B 278 15.54 -5.26 6.37
CA GLU B 278 15.26 -4.92 7.76
C GLU B 278 13.97 -5.59 8.21
N CYS B 279 13.00 -5.69 7.31
CA CYS B 279 11.76 -6.44 7.61
C CYS B 279 12.07 -7.89 7.91
N ALA B 280 12.90 -8.50 7.07
CA ALA B 280 13.34 -9.88 7.29
C ALA B 280 13.92 -10.03 8.69
N ARG B 281 14.81 -9.12 9.06
CA ARG B 281 15.46 -9.18 10.37
C ARG B 281 14.44 -9.03 11.50
N VAL B 282 13.52 -8.08 11.39
CA VAL B 282 12.55 -7.92 12.48
C VAL B 282 11.48 -9.02 12.50
N MET B 283 11.51 -9.91 11.50
CA MET B 283 10.67 -11.11 11.56
C MET B 283 11.50 -12.32 11.98
N GLY B 284 12.79 -12.10 12.20
CA GLY B 284 13.68 -13.18 12.62
C GLY B 284 14.27 -13.99 11.48
N TYR B 285 14.06 -13.57 10.24
CA TYR B 285 14.68 -14.25 9.09
C TYR B 285 16.19 -13.99 9.04
N PRO B 286 16.97 -15.05 8.77
CA PRO B 286 18.45 -14.93 8.71
C PRO B 286 18.88 -14.16 7.49
N ASP B 287 20.06 -13.52 7.56
CA ASP B 287 20.56 -12.76 6.41
C ASP B 287 20.89 -13.65 5.21
N SER B 288 21.02 -14.95 5.46
CA SER B 288 21.19 -15.89 4.36
C SER B 288 19.89 -16.06 3.55
N TYR B 289 18.78 -15.58 4.08
CA TYR B 289 17.50 -15.71 3.39
C TYR B 289 17.37 -14.65 2.30
N LYS B 290 17.20 -15.11 1.06
CA LYS B 290 17.03 -14.21 -0.07
C LYS B 290 15.61 -13.71 -0.14
N VAL B 291 15.45 -12.39 -0.13
CA VAL B 291 14.12 -11.80 -0.13
C VAL B 291 13.66 -11.59 -1.56
N HIS B 292 12.36 -11.43 -1.75
CA HIS B 292 11.83 -11.22 -3.09
C HIS B 292 12.39 -9.93 -3.65
N PRO B 293 12.75 -9.95 -4.95
CA PRO B 293 13.27 -8.80 -5.70
C PRO B 293 12.38 -7.57 -5.60
N SER B 294 11.06 -7.77 -5.63
CA SER B 294 10.14 -6.65 -5.53
C SER B 294 10.04 -6.17 -4.09
N THR B 295 10.36 -4.90 -3.86
CA THR B 295 10.25 -4.30 -2.53
C THR B 295 8.83 -4.39 -2.00
N SER B 296 7.85 -4.06 -2.83
CA SER B 296 6.45 -4.11 -2.42
C SER B 296 5.99 -5.53 -2.12
N GLN B 297 6.41 -6.49 -2.94
CA GLN B 297 6.05 -7.87 -2.66
C GLN B 297 6.75 -8.39 -1.40
N ALA B 298 7.97 -7.93 -1.14
CA ALA B 298 8.67 -8.35 0.08
C ALA B 298 7.97 -7.83 1.33
N TYR B 299 7.48 -6.60 1.28
CA TYR B 299 6.72 -6.05 2.41
C TYR B 299 5.49 -6.88 2.70
N LYS B 300 4.77 -7.28 1.64
CA LYS B 300 3.55 -8.04 1.79
C LYS B 300 3.87 -9.40 2.37
N GLN B 301 4.91 -10.02 1.84
CA GLN B 301 5.29 -11.34 2.31
C GLN B 301 5.72 -11.32 3.78
N PHE B 302 6.59 -10.39 4.15
CA PHE B 302 7.03 -10.37 5.56
C PHE B 302 5.93 -9.93 6.50
N GLY B 303 5.10 -8.99 6.05
CA GLY B 303 4.00 -8.51 6.89
C GLY B 303 3.02 -9.62 7.18
N ASN B 304 3.02 -10.63 6.33
CA ASN B 304 2.11 -11.77 6.43
C ASN B 304 2.78 -12.99 7.04
N SER B 305 4.04 -12.87 7.41
CA SER B 305 4.80 -14.06 7.77
C SER B 305 4.77 -14.37 9.28
N VAL B 306 5.56 -15.35 9.67
CA VAL B 306 5.66 -15.75 11.07
C VAL B 306 6.98 -15.22 11.61
N VAL B 307 7.07 -15.11 12.93
CA VAL B 307 8.29 -14.70 13.59
C VAL B 307 9.12 -15.93 13.90
N ILE B 308 10.25 -16.08 13.21
CA ILE B 308 11.04 -17.31 13.28
C ILE B 308 11.41 -17.70 14.70
N ASN B 309 11.98 -16.73 15.44
CA ASN B 309 12.52 -17.02 16.76
C ASN B 309 11.51 -17.65 17.70
N VAL B 310 10.28 -17.15 17.67
CA VAL B 310 9.22 -17.68 18.54
C VAL B 310 8.89 -19.11 18.18
N LEU B 311 8.78 -19.38 16.89
CA LEU B 311 8.56 -20.74 16.43
C LEU B 311 9.70 -21.66 16.86
N GLN B 312 10.93 -21.15 16.84
CA GLN B 312 12.07 -21.97 17.27
C GLN B 312 11.98 -22.38 18.74
N TYR B 313 11.64 -21.43 19.61
CA TYR B 313 11.51 -21.74 21.04
C TYR B 313 10.40 -22.73 21.25
N ILE B 314 9.28 -22.54 20.57
CA ILE B 314 8.17 -23.48 20.68
C ILE B 314 8.52 -24.85 20.10
N ALA B 315 9.20 -24.89 18.95
CA ALA B 315 9.58 -26.15 18.32
C ALA B 315 10.52 -26.92 19.26
N TYR B 316 11.45 -26.19 19.86
CA TYR B 316 12.36 -26.81 20.83
C TYR B 316 11.59 -27.42 21.99
N ASN B 317 10.57 -26.72 22.47
CA ASN B 317 9.76 -27.24 23.57
C ASN B 317 8.86 -28.40 23.16
N ILE B 318 8.36 -28.37 21.93
CA ILE B 318 7.65 -29.53 21.39
C ILE B 318 8.57 -30.75 21.41
N GLY B 319 9.78 -30.59 20.88
CA GLY B 319 10.76 -31.65 20.89
C GLY B 319 11.06 -32.14 22.30
N SER B 320 11.24 -31.19 23.22
CA SER B 320 11.47 -31.49 24.64
C SER B 320 10.38 -32.41 25.17
N SER B 321 9.13 -32.03 24.92
CA SER B 321 8.01 -32.84 25.37
C SER B 321 7.97 -34.21 24.71
N LEU B 322 8.22 -34.27 23.40
CA LEU B 322 8.15 -35.56 22.71
C LEU B 322 9.23 -36.52 23.23
N ASN B 323 10.35 -35.95 23.65
CA ASN B 323 11.55 -36.73 23.99
C ASN B 323 11.60 -37.17 25.45
N PHE B 324 10.69 -36.64 26.26
CA PHE B 324 10.64 -37.06 27.66
C PHE B 324 9.76 -38.29 27.77
N LYS B 325 10.39 -39.45 27.80
CA LYS B 325 9.68 -40.71 27.77
C LYS B 325 10.24 -41.67 28.81
N PRO B 326 10.08 -41.35 30.09
CA PRO B 326 10.67 -42.23 31.11
C PRO B 326 9.98 -43.58 31.15
N TYR B 327 10.65 -44.55 31.79
CA TYR B 327 10.01 -45.82 32.10
C TYR B 327 9.06 -45.61 33.26
S SO4 C . -23.02 10.58 -17.56
O1 SO4 C . -23.41 9.88 -16.35
O2 SO4 C . -22.87 9.67 -18.69
O3 SO4 C . -21.76 11.27 -17.31
O4 SO4 C . -24.06 11.54 -17.88
S SO4 D . -19.60 -4.31 -25.70
O1 SO4 D . -20.21 -5.14 -24.66
O2 SO4 D . -18.16 -4.60 -25.72
O3 SO4 D . -19.82 -2.90 -25.40
O4 SO4 D . -20.21 -4.62 -26.99
S SO4 E . -8.72 2.34 -3.25
O1 SO4 E . -8.63 0.89 -3.15
O2 SO4 E . -9.90 2.80 -2.54
O3 SO4 E . -8.79 2.74 -4.65
O4 SO4 E . -7.54 2.95 -2.66
S SO4 F . 11.13 -7.03 27.90
O1 SO4 F . 10.93 -7.67 29.20
O2 SO4 F . 10.82 -8.00 26.84
O3 SO4 F . 12.53 -6.60 27.81
O4 SO4 F . 10.20 -5.93 27.79
S SO4 G . 18.16 -20.20 3.77
O1 SO4 G . 16.72 -20.33 3.62
O2 SO4 G . 18.72 -21.51 4.12
O3 SO4 G . 18.73 -19.72 2.50
O4 SO4 G . 18.46 -19.24 4.82
#